data_8Y6T
#
_entry.id   8Y6T
#
_cell.length_a   45.891
_cell.length_b   63.849
_cell.length_c   77.854
_cell.angle_alpha   90.00
_cell.angle_beta   90.00
_cell.angle_gamma   90.00
#
_symmetry.space_group_name_H-M   'P 1'
#
loop_
_entity.id
_entity.type
_entity.pdbx_description
1 polymer 'DUF3142 domain-containing protein'
2 non-polymer 'L(+)-TARTARIC ACID'
3 water water
#
_entity_poly.entity_id   1
_entity_poly.type   'polypeptide(L)'
_entity_poly.pdbx_seq_one_letter_code
;HHHHHHSSGLVPRGSH(MSE)AS(MSE)TGGQQ(MSE)GRGSEVSDKLQLSHKVYAHDYQAFWLWSGVNPQPALQQANQV
YLHQGEVVIRQRAAWFQK(MSE)GLPSSRLTLPA(MSE)WVTVRITTLDVPDDILAILIDLPRRWAAAGNQVIGLQIDFD
AGTYRLDDYAGFLRRVRTKLDPNFALGVTGLLDWAKTGSIQQLNALPIDELVIQTYQGRSTVNQYSRYLPALLQLRLPFK
IGLVQHGEWDPQWEQYLAASPFYRGEVVFLLNHLRSEPANGK
;
_entity_poly.pdbx_strand_id   A,B,C,D
#
# COMPACT_ATOMS: atom_id res chain seq x y z
N SER A 39 -27.49 -11.22 26.47
CA SER A 39 -27.21 -11.69 25.12
C SER A 39 -27.05 -10.54 24.15
N HIS A 40 -26.14 -9.62 24.45
CA HIS A 40 -26.00 -8.38 23.69
C HIS A 40 -24.60 -8.33 23.05
N LYS A 41 -24.28 -7.16 22.52
CA LYS A 41 -23.01 -6.97 21.82
C LYS A 41 -22.06 -6.12 22.65
N VAL A 42 -20.77 -6.35 22.41
CA VAL A 42 -19.71 -5.70 23.17
C VAL A 42 -19.54 -4.27 22.64
N TYR A 43 -19.64 -3.29 23.54
CA TYR A 43 -19.37 -1.89 23.22
C TYR A 43 -18.22 -1.40 24.08
N ALA A 44 -17.27 -0.74 23.43
CA ALA A 44 -16.08 -0.23 24.11
C ALA A 44 -16.42 0.72 25.24
N HIS A 45 -17.48 1.54 25.07
CA HIS A 45 -17.84 2.51 26.07
C HIS A 45 -18.23 1.87 27.41
N ASP A 46 -18.41 0.55 27.46
CA ASP A 46 -18.71 -0.15 28.70
C ASP A 46 -17.49 -0.82 29.33
N TYR A 47 -16.31 -0.61 28.77
CA TYR A 47 -15.12 -1.32 29.22
C TYR A 47 -13.98 -0.34 29.42
N GLN A 48 -12.89 -0.84 30.04
CA GLN A 48 -11.80 0.00 30.49
C GLN A 48 -10.42 -0.62 30.26
N ALA A 49 -10.33 -1.72 29.50
CA ALA A 49 -9.05 -2.29 29.11
C ALA A 49 -9.16 -2.74 27.66
N PHE A 50 -8.13 -2.46 26.87
CA PHE A 50 -8.25 -2.70 25.44
C PHE A 50 -6.94 -3.22 24.87
N TRP A 51 -7.05 -4.06 23.83
CA TRP A 51 -5.96 -4.34 22.91
C TRP A 51 -6.03 -3.34 21.77
N LEU A 52 -4.90 -2.73 21.45
CA LEU A 52 -4.72 -1.98 20.21
C LEU A 52 -3.77 -2.79 19.32
N TRP A 53 -4.33 -3.44 18.30
CA TRP A 53 -3.57 -4.33 17.44
C TRP A 53 -2.91 -3.58 16.31
N SER A 54 -1.88 -4.20 15.74
CA SER A 54 -1.31 -3.68 14.51
C SER A 54 -2.44 -3.50 13.51
N GLY A 55 -2.45 -2.36 12.84
CA GLY A 55 -3.46 -2.09 11.84
C GLY A 55 -4.78 -1.55 12.37
N VAL A 56 -4.94 -1.42 13.69
CA VAL A 56 -6.14 -0.87 14.29
C VAL A 56 -5.86 0.57 14.71
N ASN A 57 -6.77 1.50 14.36
CA ASN A 57 -6.59 2.89 14.76
C ASN A 57 -6.98 3.11 16.22
N PRO A 58 -6.36 4.09 16.87
CA PRO A 58 -6.76 4.43 18.24
C PRO A 58 -8.22 4.85 18.25
N GLN A 59 -8.87 4.70 19.40
CA GLN A 59 -10.29 5.02 19.55
C GLN A 59 -10.51 5.84 20.82
N PRO A 60 -11.58 6.65 20.88
CA PRO A 60 -11.86 7.42 22.12
C PRO A 60 -11.91 6.58 23.38
N ALA A 61 -12.30 5.30 23.29
CA ALA A 61 -12.37 4.47 24.49
C ALA A 61 -11.02 4.38 25.20
N LEU A 62 -9.92 4.49 24.44
CA LEU A 62 -8.60 4.45 25.06
C LEU A 62 -8.45 5.51 26.14
N GLN A 63 -9.05 6.68 25.94
CA GLN A 63 -8.94 7.75 26.92
C GLN A 63 -9.74 7.51 28.19
N GLN A 64 -10.54 6.43 28.27
CA GLN A 64 -11.21 6.09 29.51
C GLN A 64 -10.64 4.82 30.14
N ALA A 65 -9.61 4.23 29.53
CA ALA A 65 -9.09 2.93 29.90
C ALA A 65 -8.11 3.02 31.07
N ASN A 66 -8.09 1.96 31.88
CA ASN A 66 -7.08 1.80 32.92
C ASN A 66 -5.85 1.04 32.44
N GLN A 67 -5.99 0.23 31.39
CA GLN A 67 -4.87 -0.52 30.83
C GLN A 67 -5.04 -0.62 29.31
N VAL A 68 -3.91 -0.65 28.61
CA VAL A 68 -3.90 -0.91 27.18
C VAL A 68 -2.90 -2.03 26.90
N TYR A 69 -3.24 -2.90 25.94
CA TYR A 69 -2.40 -4.01 25.53
C TYR A 69 -1.97 -3.72 24.07
N LEU A 70 -0.76 -3.20 23.92
CA LEU A 70 -0.24 -2.69 22.64
C LEU A 70 0.47 -3.79 21.85
N HIS A 71 -0.08 -4.15 20.70
CA HIS A 71 0.55 -5.18 19.88
C HIS A 71 1.83 -4.63 19.24
N GLN A 72 2.90 -5.42 19.30
CA GLN A 72 4.18 -4.97 18.75
C GLN A 72 4.79 -5.95 17.76
N GLY A 73 4.13 -7.05 17.45
CA GLY A 73 4.65 -7.91 16.40
C GLY A 73 4.44 -9.36 16.75
N GLU A 74 5.22 -10.20 16.08
CA GLU A 74 4.94 -11.64 16.12
C GLU A 74 6.24 -12.40 15.92
N VAL A 75 6.33 -13.59 16.51
CA VAL A 75 7.41 -14.54 16.21
C VAL A 75 6.81 -15.66 15.37
N VAL A 76 7.33 -15.83 14.15
CA VAL A 76 6.79 -16.76 13.16
C VAL A 76 7.94 -17.54 12.53
N ILE A 77 7.60 -18.68 11.93
CA ILE A 77 8.60 -19.50 11.25
C ILE A 77 8.64 -19.07 9.78
N ARG A 78 9.83 -18.73 9.30
CA ARG A 78 9.99 -18.30 7.92
C ARG A 78 10.53 -19.42 7.03
N GLN A 79 11.74 -19.92 7.32
CA GLN A 79 12.28 -21.10 6.64
C GLN A 79 12.74 -22.04 7.74
N ARG A 80 11.77 -22.76 8.32
CA ARG A 80 12.01 -23.67 9.45
C ARG A 80 12.86 -23.04 10.54
N ALA A 81 12.75 -21.72 10.70
CA ALA A 81 13.46 -21.01 11.75
C ALA A 81 12.64 -19.83 12.22
N ALA A 82 12.71 -19.55 13.51
CA ALA A 82 11.96 -18.45 14.10
C ALA A 82 12.50 -17.09 13.63
N TRP A 83 11.59 -16.14 13.52
CA TRP A 83 11.86 -14.79 13.04
C TRP A 83 10.89 -13.85 13.75
N PHE A 84 11.41 -12.76 14.32
CA PHE A 84 10.55 -11.74 14.89
C PHE A 84 10.24 -10.71 13.82
N GLN A 85 8.96 -10.38 13.67
CA GLN A 85 8.51 -9.31 12.80
C GLN A 85 7.93 -8.22 13.70
N LYS A 86 8.65 -7.11 13.79
CA LYS A 86 8.17 -5.96 14.53
C LYS A 86 7.01 -5.29 13.79
N GLY A 88 3.17 -2.64 14.29
CA GLY A 88 2.42 -1.71 15.12
C GLY A 88 3.11 -0.37 15.32
N LEU A 89 2.80 0.27 16.45
CA LEU A 89 3.32 1.60 16.73
C LEU A 89 4.80 1.54 17.05
N PRO A 90 5.60 2.51 16.60
CA PRO A 90 7.00 2.56 17.06
C PRO A 90 7.05 3.05 18.49
N SER A 91 7.98 2.47 19.24
CA SER A 91 8.23 2.91 20.61
C SER A 91 8.44 4.42 20.65
N SER A 92 7.64 5.09 21.49
CA SER A 92 7.53 6.55 21.45
C SER A 92 6.63 7.00 22.60
N ARG A 93 6.62 8.30 22.87
CA ARG A 93 5.69 8.84 23.86
C ARG A 93 4.29 8.97 23.24
N LEU A 94 3.31 8.28 23.82
CA LEU A 94 1.92 8.39 23.37
C LEU A 94 1.02 8.57 24.59
N THR A 95 -0.14 9.20 24.38
CA THR A 95 -1.06 9.39 25.51
C THR A 95 -1.86 8.11 25.68
N LEU A 96 -1.31 7.18 26.44
CA LEU A 96 -1.95 5.91 26.74
C LEU A 96 -1.98 5.72 28.24
N PRO A 97 -2.88 4.85 28.75
CA PRO A 97 -2.81 4.49 30.17
C PRO A 97 -1.64 3.55 30.39
N ALA A 98 -1.45 3.04 31.61
CA ALA A 98 -0.50 1.95 31.84
C ALA A 98 -0.66 0.86 30.76
N TRP A 100 0.70 -2.77 28.44
CA TRP A 100 1.47 -3.98 28.13
C TRP A 100 1.97 -3.92 26.69
N VAL A 101 3.14 -4.51 26.49
CA VAL A 101 3.58 -4.92 25.16
C VAL A 101 3.06 -6.34 24.90
N THR A 102 2.34 -6.52 23.81
CA THR A 102 1.86 -7.85 23.42
C THR A 102 2.60 -8.37 22.20
N VAL A 103 3.09 -9.61 22.27
CA VAL A 103 3.71 -10.27 21.12
C VAL A 103 3.08 -11.64 20.93
N ARG A 104 2.67 -11.94 19.70
CA ARG A 104 2.07 -13.23 19.38
C ARG A 104 3.16 -14.23 19.03
N ILE A 105 3.12 -15.38 19.68
CA ILE A 105 4.11 -16.43 19.54
C ILE A 105 3.45 -17.60 18.80
N THR A 106 3.87 -17.86 17.57
CA THR A 106 3.35 -18.97 16.78
C THR A 106 4.28 -20.19 16.79
N THR A 107 5.37 -20.14 17.55
CA THR A 107 6.30 -21.27 17.67
C THR A 107 7.07 -21.10 18.96
N LEU A 108 7.37 -22.21 19.63
CA LEU A 108 8.14 -22.17 20.86
C LEU A 108 9.61 -22.52 20.63
N ASP A 109 9.97 -22.83 19.38
CA ASP A 109 11.36 -23.06 19.00
C ASP A 109 11.97 -21.70 18.65
N VAL A 110 12.33 -20.95 19.69
CA VAL A 110 12.75 -19.57 19.54
C VAL A 110 14.08 -19.34 20.25
N PRO A 111 15.11 -18.86 19.56
CA PRO A 111 16.43 -18.73 20.19
C PRO A 111 16.51 -17.53 21.13
N ASP A 112 17.55 -17.57 21.96
CA ASP A 112 17.80 -16.54 22.97
C ASP A 112 17.87 -15.13 22.36
N ASP A 113 18.44 -14.99 21.15
CA ASP A 113 18.57 -13.65 20.58
C ASP A 113 17.21 -13.00 20.32
N ILE A 114 16.22 -13.80 19.90
CA ILE A 114 14.87 -13.27 19.69
C ILE A 114 14.17 -12.99 21.03
N LEU A 115 14.38 -13.84 22.04
CA LEU A 115 13.85 -13.56 23.37
C LEU A 115 14.42 -12.26 23.92
N ALA A 116 15.68 -12.00 23.61
CA ALA A 116 16.31 -10.75 23.98
C ALA A 116 15.62 -9.56 23.31
N ILE A 117 15.24 -9.72 22.03
CA ILE A 117 14.49 -8.63 21.36
C ILE A 117 13.13 -8.41 22.04
N LEU A 118 12.43 -9.52 22.32
CA LEU A 118 11.13 -9.46 22.98
C LEU A 118 11.21 -8.71 24.29
N ILE A 119 12.18 -9.06 25.15
CA ILE A 119 12.20 -8.42 26.46
C ILE A 119 12.72 -6.99 26.38
N ASP A 120 13.39 -6.62 25.29
CA ASP A 120 13.76 -5.22 25.14
C ASP A 120 12.55 -4.34 24.80
N LEU A 121 11.51 -4.90 24.17
CA LEU A 121 10.36 -4.05 23.84
C LEU A 121 9.74 -3.26 25.02
N PRO A 122 9.36 -3.87 26.16
CA PRO A 122 8.89 -3.05 27.28
C PRO A 122 9.94 -2.07 27.79
N ARG A 123 11.20 -2.49 27.81
CA ARG A 123 12.29 -1.57 28.10
C ARG A 123 12.22 -0.33 27.22
N ARG A 124 12.03 -0.51 25.90
CA ARG A 124 12.04 0.66 25.02
C ARG A 124 10.83 1.54 25.27
N TRP A 125 9.67 0.92 25.47
CA TRP A 125 8.47 1.71 25.72
C TRP A 125 8.57 2.45 27.04
N ALA A 126 9.31 1.92 27.99
CA ALA A 126 9.46 2.61 29.26
C ALA A 126 10.44 3.77 29.12
N ALA A 127 11.53 3.54 28.37
CA ALA A 127 12.46 4.62 28.11
C ALA A 127 11.77 5.80 27.43
N ALA A 128 10.72 5.56 26.66
CA ALA A 128 10.05 6.65 25.95
C ALA A 128 9.14 7.48 26.85
N GLY A 129 8.94 7.07 28.11
CA GLY A 129 8.19 7.86 29.08
C GLY A 129 6.85 7.28 29.47
N ASN A 130 6.51 6.09 28.98
CA ASN A 130 5.20 5.50 29.27
C ASN A 130 5.28 4.63 30.51
N GLN A 131 4.13 4.47 31.18
CA GLN A 131 4.00 3.51 32.27
C GLN A 131 3.80 2.13 31.65
N VAL A 132 4.76 1.23 31.83
CA VAL A 132 4.73 -0.06 31.16
C VAL A 132 4.61 -1.14 32.23
N ILE A 133 3.52 -1.90 32.18
CA ILE A 133 3.28 -2.95 33.16
C ILE A 133 4.18 -4.16 32.89
N GLY A 134 4.31 -4.58 31.64
CA GLY A 134 5.13 -5.73 31.32
C GLY A 134 4.89 -6.25 29.90
N LEU A 135 5.27 -7.52 29.73
CA LEU A 135 5.21 -8.25 28.47
C LEU A 135 4.11 -9.30 28.52
N GLN A 136 3.25 -9.32 27.50
CA GLN A 136 2.18 -10.29 27.38
C GLN A 136 2.46 -11.18 26.18
N ILE A 137 2.51 -12.48 26.44
CA ILE A 137 2.71 -13.47 25.39
C ILE A 137 1.34 -13.92 24.90
N ASP A 138 1.11 -13.83 23.60
CA ASP A 138 -0.14 -14.26 22.99
C ASP A 138 0.13 -15.57 22.26
N PHE A 139 -0.17 -16.69 22.91
CA PHE A 139 0.09 -17.99 22.33
C PHE A 139 -0.90 -18.29 21.21
N ASP A 140 -0.37 -18.46 19.98
CA ASP A 140 -1.14 -18.86 18.81
C ASP A 140 -0.36 -19.90 18.03
N ALA A 141 0.14 -20.93 18.73
CA ALA A 141 1.17 -21.79 18.14
C ALA A 141 0.68 -23.15 17.67
N GLY A 142 -0.43 -23.66 18.21
CA GLY A 142 -0.92 -24.95 17.81
C GLY A 142 -0.88 -25.99 18.91
N THR A 143 -0.45 -27.20 18.58
CA THR A 143 -0.45 -28.33 19.51
C THR A 143 0.94 -28.42 20.16
N TYR A 144 1.04 -27.89 21.37
CA TYR A 144 2.20 -28.04 22.21
C TYR A 144 1.74 -28.65 23.54
N ARG A 145 2.67 -29.22 24.27
CA ARG A 145 2.36 -29.67 25.62
C ARG A 145 2.57 -28.53 26.60
N LEU A 146 1.78 -28.54 27.68
CA LEU A 146 1.85 -27.46 28.65
C LEU A 146 3.22 -27.35 29.29
N ASP A 147 3.93 -28.48 29.36
CA ASP A 147 5.33 -28.46 29.78
C ASP A 147 6.15 -27.49 28.93
N ASP A 148 5.95 -27.51 27.61
CA ASP A 148 6.74 -26.67 26.72
C ASP A 148 6.36 -25.20 26.87
N TYR A 149 5.07 -24.90 27.02
CA TYR A 149 4.67 -23.53 27.31
C TYR A 149 5.33 -23.05 28.60
N ALA A 150 5.30 -23.88 29.64
CA ALA A 150 5.93 -23.51 30.90
C ALA A 150 7.42 -23.24 30.70
N GLY A 151 8.13 -24.11 29.98
CA GLY A 151 9.55 -23.90 29.74
C GLY A 151 9.83 -22.62 28.98
N PHE A 152 9.05 -22.35 27.94
CA PHE A 152 9.19 -21.09 27.20
C PHE A 152 9.00 -19.87 28.11
N LEU A 153 7.99 -19.91 28.97
CA LEU A 153 7.72 -18.78 29.85
C LEU A 153 8.81 -18.62 30.91
N ARG A 154 9.29 -19.74 31.46
CA ARG A 154 10.46 -19.68 32.34
C ARG A 154 11.61 -18.96 31.66
N ARG A 155 11.84 -19.26 30.37
CA ARG A 155 12.95 -18.63 29.66
C ARG A 155 12.73 -17.13 29.54
N VAL A 156 11.51 -16.74 29.15
CA VAL A 156 11.20 -15.33 29.02
C VAL A 156 11.40 -14.60 30.33
N ARG A 157 10.81 -15.13 31.41
CA ARG A 157 10.91 -14.50 32.72
C ARG A 157 12.36 -14.37 33.17
N THR A 158 13.20 -15.36 32.83
CA THR A 158 14.62 -15.24 33.15
C THR A 158 15.22 -14.03 32.44
N LYS A 159 14.84 -13.81 31.18
CA LYS A 159 15.40 -12.69 30.44
C LYS A 159 14.68 -11.36 30.67
N LEU A 160 13.47 -11.36 31.22
CA LEU A 160 12.68 -10.13 31.38
C LEU A 160 13.08 -9.40 32.66
N ASP A 161 13.28 -8.08 32.56
CA ASP A 161 13.66 -7.27 33.72
C ASP A 161 12.65 -7.49 34.85
N PRO A 162 13.12 -7.65 36.09
CA PRO A 162 12.20 -8.08 37.17
C PRO A 162 11.09 -7.07 37.50
N ASN A 163 11.22 -5.82 37.06
CA ASN A 163 10.19 -4.82 37.29
C ASN A 163 9.02 -4.98 36.33
N PHE A 164 9.16 -5.84 35.34
CA PHE A 164 8.11 -6.10 34.36
C PHE A 164 7.41 -7.41 34.69
N ALA A 165 6.08 -7.36 34.64
CA ALA A 165 5.18 -8.48 34.81
C ALA A 165 5.12 -9.30 33.53
N LEU A 166 4.68 -10.54 33.67
CA LEU A 166 4.67 -11.47 32.54
C LEU A 166 3.25 -12.00 32.40
N GLY A 167 2.62 -11.67 31.29
CA GLY A 167 1.24 -12.09 31.08
C GLY A 167 1.10 -13.05 29.92
N VAL A 168 0.04 -13.84 29.95
CA VAL A 168 -0.29 -14.76 28.87
C VAL A 168 -1.73 -14.50 28.41
N THR A 169 -1.95 -14.65 27.11
CA THR A 169 -3.27 -14.62 26.52
C THR A 169 -3.30 -15.60 25.35
N GLY A 170 -4.49 -16.04 25.02
CA GLY A 170 -4.69 -16.94 23.90
C GLY A 170 -6.12 -17.42 23.92
N LEU A 171 -6.45 -18.22 22.91
CA LEU A 171 -7.81 -18.73 22.78
C LEU A 171 -8.17 -19.64 23.96
N LEU A 172 -9.46 -19.80 24.20
CA LEU A 172 -9.96 -20.27 25.48
C LEU A 172 -9.11 -21.40 26.07
N ASP A 173 -9.07 -22.54 25.39
CA ASP A 173 -8.29 -23.74 25.79
C ASP A 173 -7.81 -23.81 27.24
N ILE A 180 -5.64 -28.38 35.94
CA ILE A 180 -5.30 -27.07 36.48
C ILE A 180 -4.31 -27.14 37.63
N GLN A 181 -4.22 -28.31 38.30
CA GLN A 181 -3.17 -28.52 39.30
C GLN A 181 -1.79 -28.42 38.67
N GLN A 182 -1.71 -28.44 37.32
CA GLN A 182 -0.52 -28.05 36.60
C GLN A 182 -0.71 -26.79 35.75
N LEU A 183 -1.95 -26.36 35.47
CA LEU A 183 -2.12 -25.16 34.66
C LEU A 183 -1.92 -23.89 35.48
N ASN A 184 -2.37 -23.87 36.73
CA ASN A 184 -2.02 -22.79 37.64
C ASN A 184 -0.52 -22.73 37.93
N ALA A 185 0.23 -23.75 37.50
CA ALA A 185 1.69 -23.77 37.68
C ALA A 185 2.39 -22.87 36.68
N LEU A 186 1.67 -22.27 35.75
CA LEU A 186 2.30 -21.38 34.79
C LEU A 186 2.96 -20.23 35.53
N PRO A 187 4.22 -19.93 35.24
CA PRO A 187 4.95 -18.85 35.93
C PRO A 187 4.58 -17.48 35.37
N ILE A 188 3.35 -17.03 35.68
CA ILE A 188 2.77 -15.86 35.02
C ILE A 188 2.02 -14.99 36.00
N ASP A 189 1.91 -13.70 35.66
CA ASP A 189 1.33 -12.70 36.53
C ASP A 189 -0.12 -12.39 36.18
N GLU A 190 -0.52 -12.67 34.94
CA GLU A 190 -1.85 -12.40 34.44
C GLU A 190 -2.16 -13.33 33.27
N LEU A 191 -3.35 -13.91 33.29
CA LEU A 191 -3.86 -14.71 32.17
C LEU A 191 -5.10 -14.05 31.60
N VAL A 192 -5.16 -13.91 30.28
CA VAL A 192 -6.35 -13.39 29.62
C VAL A 192 -6.88 -14.49 28.68
N ILE A 193 -8.15 -14.88 28.88
CA ILE A 193 -8.77 -15.94 28.08
C ILE A 193 -9.52 -15.28 26.94
N GLN A 194 -9.09 -15.52 25.71
CA GLN A 194 -9.77 -14.90 24.57
C GLN A 194 -10.98 -15.73 24.19
N THR A 195 -12.09 -15.04 23.89
CA THR A 195 -13.34 -15.65 23.48
C THR A 195 -13.65 -15.43 22.02
N TYR A 196 -12.76 -14.75 21.27
CA TYR A 196 -13.00 -14.37 19.89
C TYR A 196 -11.97 -15.02 18.97
N GLN A 197 -12.34 -15.09 17.69
CA GLN A 197 -11.42 -15.32 16.59
C GLN A 197 -11.74 -14.28 15.52
N GLY A 198 -10.74 -13.52 15.12
CA GLY A 198 -10.99 -12.48 14.13
C GLY A 198 -11.98 -11.46 14.67
N ARG A 199 -13.03 -11.20 13.90
CA ARG A 199 -14.00 -10.19 14.29
C ARG A 199 -15.20 -10.77 15.04
N SER A 200 -15.24 -12.07 15.33
CA SER A 200 -16.41 -12.66 15.97
C SER A 200 -16.06 -13.42 17.24
N THR A 201 -16.96 -13.36 18.22
CA THR A 201 -16.92 -14.29 19.33
C THR A 201 -17.03 -15.72 18.83
N VAL A 202 -16.25 -16.63 19.41
CA VAL A 202 -16.35 -18.02 19.01
C VAL A 202 -17.69 -18.57 19.51
N ASN A 203 -18.39 -19.30 18.65
CA ASN A 203 -19.63 -19.93 19.08
C ASN A 203 -19.35 -20.97 20.15
N GLN A 204 -20.21 -21.00 21.16
CA GLN A 204 -20.06 -21.91 22.30
C GLN A 204 -18.75 -21.64 23.08
N TYR A 205 -18.31 -20.37 23.10
CA TYR A 205 -17.27 -19.94 24.04
C TYR A 205 -17.65 -20.27 25.48
N SER A 206 -18.95 -20.24 25.79
CA SER A 206 -19.42 -20.41 27.15
C SER A 206 -19.03 -21.77 27.71
N ARG A 207 -18.81 -22.75 26.84
CA ARG A 207 -18.38 -24.07 27.30
C ARG A 207 -17.13 -24.00 28.17
N TYR A 208 -16.25 -23.00 27.95
CA TYR A 208 -14.99 -22.99 28.67
C TYR A 208 -15.01 -22.14 29.93
N LEU A 209 -16.08 -21.39 30.15
CA LEU A 209 -16.09 -20.41 31.23
C LEU A 209 -16.33 -21.00 32.62
N PRO A 210 -17.24 -21.98 32.82
CA PRO A 210 -17.56 -22.40 34.20
C PRO A 210 -16.35 -22.82 35.05
N ALA A 211 -15.31 -23.38 34.46
CA ALA A 211 -14.20 -23.90 35.24
C ALA A 211 -13.15 -22.85 35.56
N LEU A 212 -13.29 -21.62 35.05
CA LEU A 212 -12.28 -20.61 35.34
C LEU A 212 -12.31 -20.19 36.80
N LEU A 213 -13.39 -20.51 37.52
CA LEU A 213 -13.42 -20.33 38.97
C LEU A 213 -12.38 -21.19 39.69
N GLN A 214 -11.80 -22.19 39.02
CA GLN A 214 -10.73 -22.98 39.64
C GLN A 214 -9.34 -22.37 39.45
N LEU A 215 -9.22 -21.33 38.62
CA LEU A 215 -7.93 -20.67 38.41
C LEU A 215 -7.46 -19.98 39.69
N ARG A 216 -6.14 -20.02 39.92
CA ARG A 216 -5.55 -19.44 41.11
C ARG A 216 -4.56 -18.34 40.74
N LEU A 217 -4.85 -17.61 39.68
CA LEU A 217 -3.98 -16.53 39.28
C LEU A 217 -4.85 -15.43 38.69
N PRO A 218 -4.41 -14.18 38.75
CA PRO A 218 -5.21 -13.09 38.18
C PRO A 218 -5.55 -13.39 36.72
N PHE A 219 -6.84 -13.28 36.38
CA PHE A 219 -7.30 -13.59 35.04
C PHE A 219 -8.37 -12.63 34.57
N LYS A 220 -8.45 -12.50 33.25
CA LYS A 220 -9.42 -11.64 32.58
C LYS A 220 -10.04 -12.39 31.41
N ILE A 221 -11.10 -11.80 30.85
CA ILE A 221 -11.77 -12.33 29.68
C ILE A 221 -11.53 -11.36 28.53
N GLY A 222 -11.09 -11.90 27.38
CA GLY A 222 -10.87 -11.10 26.20
C GLY A 222 -12.06 -11.21 25.28
N LEU A 223 -12.64 -10.07 24.96
CA LEU A 223 -13.83 -9.96 24.13
C LEU A 223 -13.51 -9.15 22.89
N VAL A 224 -14.14 -9.47 21.75
CA VAL A 224 -13.94 -8.64 20.57
C VAL A 224 -14.99 -7.53 20.55
N GLN A 225 -14.58 -6.37 20.06
CA GLN A 225 -15.50 -5.26 19.96
C GLN A 225 -16.64 -5.60 19.00
N HIS A 226 -17.88 -5.44 19.48
CA HIS A 226 -19.13 -5.68 18.77
C HIS A 226 -19.43 -7.15 18.57
N GLY A 227 -18.69 -8.04 19.23
CA GLY A 227 -19.03 -9.43 19.18
C GLY A 227 -20.12 -9.79 20.17
N GLU A 228 -20.63 -10.99 20.03
CA GLU A 228 -21.62 -11.54 20.94
C GLU A 228 -20.98 -11.84 22.29
N TRP A 229 -21.72 -11.53 23.36
CA TRP A 229 -21.25 -11.71 24.73
C TRP A 229 -22.44 -11.60 25.68
N ASP A 230 -22.51 -12.51 26.65
CA ASP A 230 -23.53 -12.44 27.68
C ASP A 230 -22.87 -11.89 28.92
N PRO A 231 -23.11 -10.63 29.29
CA PRO A 231 -22.44 -10.06 30.47
C PRO A 231 -22.83 -10.72 31.80
N GLN A 232 -23.85 -11.59 31.85
CA GLN A 232 -24.09 -12.34 33.08
C GLN A 232 -22.84 -13.13 33.47
N TRP A 233 -22.06 -13.57 32.48
CA TRP A 233 -20.82 -14.30 32.80
C TRP A 233 -19.89 -13.45 33.66
N GLU A 234 -19.82 -12.15 33.40
CA GLU A 234 -18.99 -11.29 34.23
C GLU A 234 -19.36 -11.46 35.70
N GLN A 235 -20.67 -11.40 36.00
CA GLN A 235 -21.13 -11.57 37.38
C GLN A 235 -20.72 -12.92 37.93
N TYR A 236 -20.87 -13.98 37.11
CA TYR A 236 -20.45 -15.31 37.54
C TYR A 236 -18.99 -15.30 37.93
N LEU A 237 -18.14 -14.78 37.03
CA LEU A 237 -16.71 -14.84 37.27
C LEU A 237 -16.31 -13.92 38.40
N ALA A 238 -17.15 -12.91 38.70
CA ALA A 238 -16.86 -12.03 39.83
C ALA A 238 -16.84 -12.78 41.15
N ALA A 239 -17.35 -14.02 41.18
CA ALA A 239 -17.28 -14.80 42.41
C ALA A 239 -15.83 -15.09 42.82
N SER A 240 -14.91 -15.15 41.85
CA SER A 240 -13.53 -15.54 42.14
C SER A 240 -12.71 -14.32 42.54
N PRO A 241 -11.96 -14.39 43.65
CA PRO A 241 -11.12 -13.24 44.03
C PRO A 241 -10.03 -12.93 43.02
N PHE A 242 -9.75 -13.86 42.09
CA PHE A 242 -8.71 -13.68 41.10
C PHE A 242 -9.20 -13.02 39.81
N TYR A 243 -10.52 -12.89 39.64
CA TYR A 243 -11.05 -12.25 38.44
C TYR A 243 -10.73 -10.76 38.43
N ARG A 244 -10.29 -10.28 37.28
CA ARG A 244 -9.87 -8.88 37.13
C ARG A 244 -10.60 -8.15 36.01
N GLY A 245 -11.73 -8.68 35.54
CA GLY A 245 -12.51 -7.99 34.54
C GLY A 245 -12.25 -8.39 33.09
N GLU A 246 -12.49 -7.48 32.14
CA GLU A 246 -12.44 -7.82 30.73
C GLU A 246 -11.47 -6.89 29.99
N VAL A 247 -11.09 -7.32 28.80
CA VAL A 247 -10.28 -6.56 27.84
C VAL A 247 -10.99 -6.65 26.51
N VAL A 248 -11.10 -5.52 25.79
CA VAL A 248 -11.78 -5.47 24.50
C VAL A 248 -10.77 -5.29 23.39
N PHE A 249 -10.84 -6.16 22.38
CA PHE A 249 -10.04 -6.06 21.18
C PHE A 249 -10.73 -5.07 20.23
N LEU A 250 -10.16 -3.86 20.08
CA LEU A 250 -10.72 -2.87 19.19
C LEU A 250 -10.52 -3.26 17.73
N LEU A 251 -11.50 -2.87 16.90
CA LEU A 251 -11.52 -3.19 15.47
C LEU A 251 -11.76 -1.93 14.66
N ASN A 252 -11.23 -1.93 13.44
CA ASN A 252 -11.60 -0.90 12.47
C ASN A 252 -12.88 -1.31 11.76
N HIS A 253 -13.47 -0.35 11.04
CA HIS A 253 -14.58 -0.68 10.15
C HIS A 253 -14.11 -1.56 9.01
N LEU A 254 -14.99 -2.49 8.60
CA LEU A 254 -14.73 -3.22 7.38
C LEU A 254 -14.81 -2.26 6.20
N ARG A 255 -13.96 -2.51 5.21
CA ARG A 255 -13.99 -1.73 3.98
C ARG A 255 -15.39 -1.68 3.36
N SER A 256 -16.15 -2.76 3.49
CA SER A 256 -17.46 -2.85 2.86
C SER A 256 -18.54 -2.06 3.58
N GLU A 257 -18.23 -1.48 4.75
CA GLU A 257 -19.19 -0.70 5.54
C GLU A 257 -20.06 0.26 4.71
N SER B 39 22.25 9.33 16.12
CA SER B 39 22.48 10.00 14.85
C SER B 39 21.31 9.76 13.92
N HIS B 40 20.14 10.27 14.30
CA HIS B 40 19.00 10.27 13.43
C HIS B 40 18.22 11.57 13.61
N LYS B 41 18.96 12.67 13.64
CA LYS B 41 18.41 13.98 13.39
C LYS B 41 17.94 14.08 11.93
N VAL B 42 17.25 15.17 11.63
CA VAL B 42 16.79 15.38 10.26
C VAL B 42 17.93 15.98 9.46
N TYR B 43 18.34 15.29 8.40
CA TYR B 43 19.37 15.77 7.48
C TYR B 43 18.74 15.92 6.11
N ALA B 44 18.96 17.09 5.50
CA ALA B 44 18.27 17.44 4.28
C ALA B 44 18.63 16.49 3.14
N HIS B 45 19.83 15.94 3.14
CA HIS B 45 20.18 15.07 2.03
C HIS B 45 19.29 13.83 1.95
N ASP B 46 18.45 13.57 2.96
CA ASP B 46 17.56 12.42 2.96
C ASP B 46 16.13 12.78 2.57
N TYR B 47 15.86 13.99 2.11
CA TYR B 47 14.49 14.41 1.86
C TYR B 47 14.42 15.12 0.51
N GLN B 48 13.18 15.29 0.01
CA GLN B 48 12.92 15.77 -1.33
C GLN B 48 11.91 16.92 -1.36
N ALA B 49 11.63 17.53 -0.22
CA ALA B 49 10.67 18.63 -0.13
C ALA B 49 11.10 19.55 1.02
N PHE B 50 11.04 20.85 0.78
CA PHE B 50 11.63 21.81 1.70
C PHE B 50 10.83 23.09 1.74
N TRP B 51 10.79 23.72 2.93
CA TRP B 51 10.44 25.12 3.06
C TRP B 51 11.71 25.96 2.90
N LEU B 52 11.60 26.99 2.10
CA LEU B 52 12.59 28.06 2.09
C LEU B 52 11.90 29.30 2.69
N TRP B 53 12.22 29.59 3.95
CA TRP B 53 11.61 30.67 4.72
C TRP B 53 12.32 32.00 4.47
N SER B 54 11.65 33.09 4.81
CA SER B 54 12.27 34.40 4.72
C SER B 54 13.52 34.40 5.60
N GLY B 55 14.61 34.93 5.07
CA GLY B 55 15.82 34.99 5.85
C GLY B 55 16.62 33.70 5.89
N VAL B 56 16.17 32.67 5.19
CA VAL B 56 16.90 31.40 5.09
C VAL B 56 17.60 31.37 3.74
N ASN B 57 18.87 30.90 3.73
CA ASN B 57 19.52 30.92 2.42
C ASN B 57 19.24 29.65 1.64
N PRO B 58 19.28 29.73 0.30
CA PRO B 58 19.22 28.51 -0.50
C PRO B 58 20.31 27.53 -0.05
N GLN B 59 20.00 26.25 -0.16
CA GLN B 59 20.91 25.18 0.18
C GLN B 59 20.98 24.19 -0.98
N PRO B 60 22.04 23.38 -1.04
CA PRO B 60 22.19 22.43 -2.16
C PRO B 60 21.03 21.46 -2.33
N ALA B 61 20.44 20.98 -1.24
CA ALA B 61 19.35 20.00 -1.33
C ALA B 61 18.17 20.48 -2.19
N LEU B 62 18.02 21.80 -2.35
CA LEU B 62 16.95 22.33 -3.19
C LEU B 62 17.07 21.85 -4.64
N GLN B 63 18.30 21.64 -5.12
CA GLN B 63 18.46 21.19 -6.51
C GLN B 63 18.06 19.73 -6.68
N GLN B 64 17.95 18.96 -5.59
CA GLN B 64 17.53 17.57 -5.68
C GLN B 64 16.10 17.37 -5.19
N ALA B 65 15.33 18.44 -5.12
CA ALA B 65 14.00 18.40 -4.51
C ALA B 65 12.94 18.25 -5.58
N ASN B 66 11.81 17.65 -5.19
CA ASN B 66 10.66 17.62 -6.08
C ASN B 66 9.71 18.79 -5.87
N GLN B 67 9.62 19.30 -4.65
CA GLN B 67 8.81 20.47 -4.35
C GLN B 67 9.54 21.37 -3.37
N VAL B 68 9.25 22.67 -3.49
CA VAL B 68 9.72 23.69 -2.56
C VAL B 68 8.50 24.48 -2.09
N TYR B 69 8.52 24.90 -0.84
CA TYR B 69 7.47 25.71 -0.25
C TYR B 69 8.11 27.07 0.07
N LEU B 70 7.85 28.06 -0.78
CA LEU B 70 8.54 29.35 -0.72
C LEU B 70 7.75 30.31 0.17
N HIS B 71 8.31 30.69 1.29
CA HIS B 71 7.62 31.62 2.17
C HIS B 71 7.55 32.99 1.50
N GLN B 72 6.38 33.60 1.48
CA GLN B 72 6.21 34.88 0.81
C GLN B 72 5.64 35.99 1.70
N GLY B 73 5.46 35.76 2.99
CA GLY B 73 5.14 36.80 3.94
C GLY B 73 4.06 36.36 4.91
N GLU B 74 3.34 37.34 5.45
CA GLU B 74 2.49 37.05 6.60
C GLU B 74 1.36 38.05 6.70
N VAL B 75 0.20 37.61 7.20
CA VAL B 75 -0.89 38.52 7.54
C VAL B 75 -0.94 38.67 9.04
N VAL B 76 -0.72 39.89 9.50
CA VAL B 76 -0.57 40.23 10.91
C VAL B 76 -1.46 41.41 11.22
N ILE B 77 -1.60 41.68 12.52
CA ILE B 77 -2.32 42.86 12.98
C ILE B 77 -1.37 44.04 12.93
N ARG B 78 -1.77 45.10 12.24
CA ARG B 78 -1.09 46.38 12.30
C ARG B 78 -2.13 47.43 12.67
N GLN B 79 -1.93 48.07 13.82
CA GLN B 79 -2.75 49.17 14.34
C GLN B 79 -4.23 48.91 14.09
N ARG B 80 -4.68 47.75 14.60
CA ARG B 80 -6.06 47.30 14.67
C ARG B 80 -6.63 46.79 13.36
N ALA B 81 -5.81 46.50 12.35
CA ALA B 81 -6.33 46.00 11.09
C ALA B 81 -5.42 44.94 10.52
N ALA B 82 -6.00 43.99 9.78
CA ALA B 82 -5.20 43.01 9.07
C ALA B 82 -4.28 43.70 8.08
N TRP B 83 -3.07 43.14 7.92
CA TRP B 83 -2.05 43.74 7.07
C TRP B 83 -1.19 42.63 6.50
N PHE B 84 -0.93 42.66 5.20
CA PHE B 84 -0.05 41.68 4.57
C PHE B 84 1.34 42.27 4.43
N GLN B 85 2.32 41.64 5.08
CA GLN B 85 3.72 42.01 4.96
C GLN B 85 4.36 41.06 3.97
N LYS B 86 4.64 41.57 2.77
CA LYS B 86 5.35 40.76 1.79
C LYS B 86 6.75 40.48 2.30
N GLY B 88 10.45 37.56 1.86
CA GLY B 88 11.10 36.52 1.08
C GLY B 88 11.54 36.99 -0.30
N LEU B 89 11.73 35.99 -1.16
CA LEU B 89 12.20 36.22 -2.53
C LEU B 89 11.16 36.99 -3.34
N PRO B 90 11.57 38.00 -4.11
CA PRO B 90 10.63 38.62 -5.06
C PRO B 90 10.31 37.64 -6.17
N SER B 91 9.05 37.64 -6.61
CA SER B 91 8.63 36.75 -7.67
C SER B 91 9.43 37.02 -8.93
N SER B 92 9.97 35.97 -9.52
CA SER B 92 11.01 36.08 -10.53
C SER B 92 11.26 34.68 -11.06
N ARG B 93 11.97 34.61 -12.19
CA ARG B 93 12.40 33.32 -12.70
C ARG B 93 13.52 32.77 -11.84
N LEU B 94 13.27 31.63 -11.18
CA LEU B 94 14.28 31.02 -10.35
C LEU B 94 14.46 29.55 -10.73
N THR B 95 15.60 28.98 -10.33
CA THR B 95 15.89 27.56 -10.54
C THR B 95 15.34 26.82 -9.32
N LEU B 96 14.10 26.39 -9.43
CA LEU B 96 13.38 25.73 -8.36
C LEU B 96 12.61 24.56 -8.93
N PRO B 97 12.32 23.54 -8.11
CA PRO B 97 11.31 22.55 -8.50
C PRO B 97 9.92 23.16 -8.52
N ALA B 98 8.88 22.35 -8.78
CA ALA B 98 7.53 22.84 -8.57
C ALA B 98 7.41 23.42 -7.17
N TRP B 100 5.17 25.76 -4.03
CA TRP B 100 4.04 26.38 -3.35
C TRP B 100 4.44 27.76 -2.89
N VAL B 101 3.47 28.69 -2.89
CA VAL B 101 3.63 29.93 -2.14
C VAL B 101 3.08 29.74 -0.73
N THR B 102 3.87 30.04 0.29
CA THR B 102 3.43 29.89 1.68
C THR B 102 3.21 31.24 2.35
N VAL B 103 2.03 31.45 2.92
CA VAL B 103 1.77 32.67 3.67
C VAL B 103 1.33 32.31 5.08
N ARG B 104 1.93 32.94 6.08
CA ARG B 104 1.60 32.70 7.48
C ARG B 104 0.45 33.61 7.90
N ILE B 105 -0.65 33.01 8.36
CA ILE B 105 -1.87 33.73 8.73
C ILE B 105 -1.96 33.72 10.25
N THR B 106 -1.92 34.90 10.86
CA THR B 106 -2.00 35.04 12.30
C THR B 106 -3.35 35.58 12.79
N THR B 107 -4.26 35.92 11.88
CA THR B 107 -5.63 36.28 12.23
C THR B 107 -6.53 35.81 11.10
N LEU B 108 -7.75 35.42 11.46
CA LEU B 108 -8.69 35.04 10.43
C LEU B 108 -9.61 36.20 10.04
N ASP B 109 -9.58 37.29 10.78
CA ASP B 109 -10.34 38.49 10.43
C ASP B 109 -9.54 39.21 9.36
N VAL B 110 -9.75 38.81 8.11
CA VAL B 110 -8.95 39.26 6.99
C VAL B 110 -9.90 39.69 5.88
N PRO B 111 -9.85 40.94 5.42
CA PRO B 111 -10.79 41.40 4.41
C PRO B 111 -10.43 40.87 3.02
N ASP B 112 -11.39 41.02 2.11
CA ASP B 112 -11.25 40.46 0.77
C ASP B 112 -10.06 41.05 0.01
N ASP B 113 -9.69 42.30 0.25
CA ASP B 113 -8.59 42.90 -0.53
C ASP B 113 -7.24 42.26 -0.17
N ILE B 114 -7.05 41.86 1.09
CA ILE B 114 -5.84 41.11 1.44
C ILE B 114 -5.91 39.70 0.86
N LEU B 115 -7.09 39.08 0.86
CA LEU B 115 -7.22 37.76 0.24
C LEU B 115 -6.91 37.81 -1.26
N ALA B 116 -7.31 38.90 -1.91
CA ALA B 116 -6.95 39.14 -3.31
C ALA B 116 -5.43 39.22 -3.49
N ILE B 117 -4.74 39.95 -2.61
CA ILE B 117 -3.27 39.96 -2.68
C ILE B 117 -2.70 38.55 -2.53
N LEU B 118 -3.20 37.81 -1.54
CA LEU B 118 -2.72 36.46 -1.27
C LEU B 118 -2.84 35.58 -2.50
N ILE B 119 -4.03 35.56 -3.13
CA ILE B 119 -4.23 34.69 -4.28
C ILE B 119 -3.48 35.21 -5.51
N ASP B 120 -3.09 36.48 -5.51
CA ASP B 120 -2.27 36.94 -6.63
C ASP B 120 -0.83 36.43 -6.55
N LEU B 121 -0.33 36.15 -5.35
CA LEU B 121 1.05 35.64 -5.25
C LEU B 121 1.36 34.42 -6.15
N PRO B 122 0.63 33.29 -6.10
CA PRO B 122 0.95 32.20 -7.05
C PRO B 122 0.77 32.59 -8.50
N ARG B 123 -0.17 33.50 -8.78
CA ARG B 123 -0.31 34.02 -10.13
C ARG B 123 0.98 34.70 -10.60
N ARG B 124 1.53 35.58 -9.76
CA ARG B 124 2.75 36.29 -10.14
C ARG B 124 3.93 35.32 -10.31
N TRP B 125 4.01 34.31 -9.44
CA TRP B 125 5.12 33.37 -9.61
C TRP B 125 4.96 32.51 -10.85
N ALA B 126 3.70 32.24 -11.25
CA ALA B 126 3.46 31.47 -12.47
C ALA B 126 3.74 32.31 -13.71
N ALA B 127 3.34 33.58 -13.70
CA ALA B 127 3.64 34.46 -14.82
C ALA B 127 5.13 34.65 -15.01
N ALA B 128 5.92 34.36 -13.97
CA ALA B 128 7.37 34.49 -14.03
C ALA B 128 8.04 33.26 -14.62
N GLY B 129 7.27 32.28 -15.09
CA GLY B 129 7.79 31.10 -15.74
C GLY B 129 8.10 29.95 -14.81
N ASN B 130 7.69 30.02 -13.55
CA ASN B 130 7.90 28.94 -12.61
C ASN B 130 6.71 27.98 -12.64
N GLN B 131 6.96 26.75 -12.21
CA GLN B 131 5.91 25.74 -12.07
C GLN B 131 5.33 25.85 -10.67
N VAL B 132 4.12 26.39 -10.57
CA VAL B 132 3.53 26.74 -9.28
C VAL B 132 2.39 25.76 -8.98
N ILE B 133 2.53 25.02 -7.88
CA ILE B 133 1.50 24.07 -7.50
C ILE B 133 0.29 24.77 -6.87
N GLY B 134 0.51 25.69 -5.95
CA GLY B 134 -0.62 26.42 -5.37
C GLY B 134 -0.22 27.30 -4.19
N LEU B 135 -1.24 27.59 -3.37
CA LEU B 135 -1.15 28.46 -2.21
C LEU B 135 -1.32 27.65 -0.93
N GLN B 136 -0.36 27.78 -0.02
CA GLN B 136 -0.37 27.07 1.25
C GLN B 136 -0.54 28.05 2.39
N ILE B 137 -1.54 27.80 3.21
CA ILE B 137 -1.85 28.64 4.34
C ILE B 137 -1.17 28.05 5.57
N ASP B 138 -0.27 28.81 6.18
CA ASP B 138 0.40 28.39 7.41
C ASP B 138 -0.35 29.04 8.57
N PHE B 139 -1.20 28.26 9.25
CA PHE B 139 -2.00 28.81 10.33
C PHE B 139 -1.15 28.93 11.58
N ASP B 140 -0.99 30.16 12.07
CA ASP B 140 -0.32 30.47 13.32
C ASP B 140 -1.15 31.46 14.12
N ALA B 141 -2.44 31.15 14.28
CA ALA B 141 -3.43 32.16 14.65
C ALA B 141 -3.98 32.04 16.06
N GLY B 142 -4.02 30.85 16.64
CA GLY B 142 -4.42 30.74 18.03
C GLY B 142 -5.88 30.39 18.33
N THR B 143 -6.68 31.43 18.62
CA THR B 143 -7.98 31.32 19.29
C THR B 143 -9.14 31.06 18.33
N TYR B 144 -8.90 30.45 17.18
CA TYR B 144 -9.98 30.19 16.24
C TYR B 144 -10.38 28.73 16.31
N ARG B 145 -11.63 28.46 15.94
CA ARG B 145 -12.15 27.11 15.97
C ARG B 145 -12.46 26.61 14.57
N LEU B 146 -12.55 25.28 14.44
CA LEU B 146 -12.39 24.66 13.14
C LEU B 146 -13.45 25.11 12.14
N ASP B 147 -14.61 25.53 12.62
CA ASP B 147 -15.62 26.09 11.72
C ASP B 147 -15.12 27.41 11.10
N ASP B 148 -14.39 28.21 11.87
CA ASP B 148 -13.88 29.47 11.33
C ASP B 148 -12.66 29.26 10.44
N TYR B 149 -11.81 28.29 10.77
CA TYR B 149 -10.79 27.90 9.81
C TYR B 149 -11.44 27.47 8.51
N ALA B 150 -12.52 26.69 8.59
CA ALA B 150 -13.19 26.23 7.37
C ALA B 150 -13.74 27.41 6.59
N GLY B 151 -14.31 28.39 7.28
CA GLY B 151 -14.80 29.59 6.60
C GLY B 151 -13.68 30.36 5.91
N PHE B 152 -12.59 30.62 6.63
CA PHE B 152 -11.42 31.25 6.02
C PHE B 152 -11.01 30.54 4.74
N LEU B 153 -10.83 29.21 4.83
CA LEU B 153 -10.36 28.44 3.69
C LEU B 153 -11.37 28.46 2.55
N ARG B 154 -12.68 28.39 2.87
CA ARG B 154 -13.69 28.47 1.83
C ARG B 154 -13.57 29.78 1.05
N ARG B 155 -13.34 30.88 1.77
CA ARG B 155 -13.22 32.17 1.08
C ARG B 155 -11.96 32.21 0.23
N VAL B 156 -10.84 31.73 0.79
CA VAL B 156 -9.62 31.72 0.02
C VAL B 156 -9.84 30.91 -1.25
N ARG B 157 -10.50 29.76 -1.12
CA ARG B 157 -10.65 28.88 -2.28
C ARG B 157 -11.55 29.50 -3.32
N THR B 158 -12.55 30.29 -2.89
CA THR B 158 -13.42 30.91 -3.88
C THR B 158 -12.65 31.96 -4.69
N LYS B 159 -11.72 32.67 -4.04
CA LYS B 159 -10.94 33.66 -4.79
C LYS B 159 -9.72 33.07 -5.49
N LEU B 160 -9.22 31.92 -5.07
CA LEU B 160 -8.00 31.36 -5.64
C LEU B 160 -8.30 30.68 -6.97
N ASP B 161 -7.52 31.01 -8.00
CA ASP B 161 -7.71 30.46 -9.34
C ASP B 161 -7.78 28.94 -9.29
N PRO B 162 -8.74 28.31 -9.99
CA PRO B 162 -8.97 26.87 -9.79
C PRO B 162 -7.80 26.00 -10.21
N ASN B 163 -6.88 26.52 -11.04
CA ASN B 163 -5.71 25.72 -11.40
C ASN B 163 -4.71 25.57 -10.27
N PHE B 164 -4.86 26.34 -9.18
CA PHE B 164 -3.94 26.31 -8.05
C PHE B 164 -4.54 25.49 -6.92
N ALA B 165 -3.73 24.62 -6.33
CA ALA B 165 -4.16 23.85 -5.16
C ALA B 165 -4.19 24.74 -3.93
N LEU B 166 -4.95 24.29 -2.93
CA LEU B 166 -5.03 24.97 -1.64
C LEU B 166 -4.47 24.01 -0.59
N GLY B 167 -3.33 24.38 -0.02
CA GLY B 167 -2.71 23.61 1.04
C GLY B 167 -2.77 24.30 2.40
N VAL B 168 -2.69 23.51 3.46
CA VAL B 168 -2.68 24.02 4.83
C VAL B 168 -1.52 23.35 5.56
N THR B 169 -0.92 24.12 6.47
CA THR B 169 0.08 23.60 7.38
C THR B 169 -0.10 24.32 8.71
N GLY B 170 0.37 23.69 9.76
CA GLY B 170 0.22 24.22 11.10
C GLY B 170 0.76 23.22 12.10
N LEU B 171 0.89 23.71 13.33
CA LEU B 171 1.47 22.91 14.40
C LEU B 171 0.50 21.82 14.86
N LEU B 172 1.03 20.64 15.16
CA LEU B 172 0.27 19.44 15.56
C LEU B 172 -1.24 19.56 15.72
N SER B 179 -13.03 15.52 15.47
CA SER B 179 -12.87 16.63 14.54
C SER B 179 -12.32 16.14 13.20
N ILE B 180 -11.92 14.87 13.15
CA ILE B 180 -11.56 14.27 11.87
C ILE B 180 -12.77 14.26 10.94
N GLN B 181 -13.97 14.08 11.49
CA GLN B 181 -15.19 14.27 10.71
C GLN B 181 -15.36 15.71 10.26
N GLN B 182 -14.61 16.64 10.85
CA GLN B 182 -14.50 18.01 10.37
C GLN B 182 -13.16 18.27 9.70
N LEU B 183 -12.13 17.51 10.04
CA LEU B 183 -10.82 17.68 9.42
C LEU B 183 -10.88 17.36 7.94
N ASN B 184 -11.39 16.17 7.61
CA ASN B 184 -11.50 15.72 6.22
C ASN B 184 -12.53 16.49 5.41
N ALA B 185 -13.27 17.41 6.03
CA ALA B 185 -14.21 18.25 5.29
C ALA B 185 -13.61 19.58 4.88
N LEU B 186 -12.35 19.85 5.22
CA LEU B 186 -11.72 21.10 4.81
C LEU B 186 -11.56 21.13 3.30
N PRO B 187 -11.83 22.26 2.66
CA PRO B 187 -11.70 22.35 1.19
C PRO B 187 -10.25 22.59 0.75
N ILE B 188 -9.38 21.63 1.10
CA ILE B 188 -7.95 21.79 0.87
C ILE B 188 -7.41 20.54 0.20
N ASP B 189 -6.24 20.71 -0.44
CA ASP B 189 -5.65 19.66 -1.26
C ASP B 189 -4.47 18.95 -0.62
N GLU B 190 -3.84 19.57 0.37
CA GLU B 190 -2.67 19.02 1.04
C GLU B 190 -2.58 19.60 2.43
N LEU B 191 -2.41 18.75 3.43
CA LEU B 191 -2.25 19.17 4.82
C LEU B 191 -0.88 18.72 5.31
N VAL B 192 -0.10 19.66 5.83
CA VAL B 192 1.21 19.38 6.39
C VAL B 192 1.14 19.57 7.90
N ILE B 193 1.48 18.52 8.64
CA ILE B 193 1.47 18.49 10.10
C ILE B 193 2.83 18.96 10.59
N GLN B 194 2.91 20.12 11.25
CA GLN B 194 4.20 20.62 11.74
C GLN B 194 4.55 19.95 13.05
N THR B 195 5.77 19.39 13.12
CA THR B 195 6.27 18.77 14.33
C THR B 195 7.27 19.62 15.08
N TYR B 196 7.61 20.80 14.56
CA TYR B 196 8.67 21.62 15.11
C TYR B 196 8.12 22.95 15.57
N GLN B 197 8.91 23.61 16.39
CA GLN B 197 8.70 24.99 16.80
C GLN B 197 10.06 25.66 16.84
N GLY B 198 10.24 26.70 16.03
CA GLY B 198 11.53 27.34 15.89
C GLY B 198 12.54 26.41 15.27
N ARG B 199 13.61 26.12 15.99
CA ARG B 199 14.65 25.23 15.47
C ARG B 199 14.57 23.84 16.06
N SER B 200 13.54 23.53 16.86
CA SER B 200 13.47 22.26 17.56
C SER B 200 12.15 21.55 17.27
N THR B 201 12.23 20.22 17.15
CA THR B 201 11.06 19.35 17.20
C THR B 201 10.36 19.52 18.55
N VAL B 202 9.03 19.61 18.50
CA VAL B 202 8.23 19.69 19.72
C VAL B 202 8.37 18.39 20.50
N ASN B 203 8.53 18.50 21.82
CA ASN B 203 8.64 17.31 22.66
C ASN B 203 7.34 16.52 22.62
N GLN B 204 7.47 15.18 22.62
CA GLN B 204 6.32 14.27 22.56
C GLN B 204 5.43 14.55 21.35
N TYR B 205 6.05 15.03 20.26
CA TYR B 205 5.33 15.15 18.99
C TYR B 205 4.62 13.86 18.64
N SER B 206 5.21 12.72 19.00
CA SER B 206 4.68 11.41 18.62
C SER B 206 3.24 11.23 19.08
N ARG B 207 2.84 11.91 20.15
CA ARG B 207 1.48 11.78 20.67
C ARG B 207 0.43 12.02 19.59
N TYR B 208 0.73 12.90 18.64
CA TYR B 208 -0.31 13.35 17.70
C TYR B 208 -0.33 12.56 16.40
N LEU B 209 0.62 11.65 16.23
CA LEU B 209 0.83 10.98 14.96
C LEU B 209 -0.12 9.79 14.73
N PRO B 210 -0.43 8.95 15.72
CA PRO B 210 -1.23 7.75 15.42
C PRO B 210 -2.58 8.03 14.78
N ALA B 211 -3.23 9.13 15.12
CA ALA B 211 -4.56 9.44 14.57
C ALA B 211 -4.52 9.92 13.12
N LEU B 212 -3.33 10.23 12.59
CA LEU B 212 -3.24 10.69 11.21
C LEU B 212 -3.68 9.62 10.22
N LEU B 213 -3.68 8.35 10.60
CA LEU B 213 -4.19 7.34 9.68
C LEU B 213 -5.70 7.45 9.48
N GLN B 214 -6.38 8.32 10.25
CA GLN B 214 -7.80 8.62 10.03
C GLN B 214 -8.02 9.79 9.08
N LEU B 215 -6.95 10.46 8.64
CA LEU B 215 -7.08 11.54 7.66
C LEU B 215 -7.53 10.96 6.31
N ARG B 216 -8.34 11.73 5.59
CA ARG B 216 -8.79 11.32 4.26
C ARG B 216 -8.43 12.36 3.21
N LEU B 217 -7.28 13.01 3.39
CA LEU B 217 -6.77 13.98 2.43
C LEU B 217 -5.27 13.84 2.35
N PRO B 218 -4.66 14.15 1.20
CA PRO B 218 -3.20 14.08 1.08
C PRO B 218 -2.53 14.85 2.21
N PHE B 219 -1.65 14.17 2.93
CA PHE B 219 -0.97 14.80 4.05
C PHE B 219 0.51 14.43 4.09
N LYS B 220 1.29 15.31 4.70
CA LYS B 220 2.71 15.10 4.95
C LYS B 220 3.06 15.55 6.36
N ILE B 221 4.28 15.22 6.76
CA ILE B 221 4.83 15.65 8.05
C ILE B 221 5.89 16.71 7.76
N GLY B 222 5.83 17.83 8.48
CA GLY B 222 6.86 18.86 8.40
C GLY B 222 7.82 18.72 9.57
N LEU B 223 9.11 18.62 9.24
CA LEU B 223 10.19 18.39 10.18
C LEU B 223 11.20 19.54 10.07
N VAL B 224 11.79 19.97 11.19
CA VAL B 224 12.81 21.01 11.11
C VAL B 224 14.18 20.38 10.85
N GLN B 225 15.00 21.01 10.00
CA GLN B 225 16.34 20.50 9.69
C GLN B 225 17.17 20.39 10.96
N HIS B 226 17.87 19.26 11.11
CA HIS B 226 18.69 18.95 12.29
C HIS B 226 17.87 18.75 13.56
N GLY B 227 16.55 18.56 13.43
CA GLY B 227 15.72 18.29 14.57
C GLY B 227 15.66 16.81 14.90
N GLU B 228 15.16 16.52 16.08
CA GLU B 228 14.88 15.14 16.46
C GLU B 228 13.67 14.63 15.68
N TRP B 229 13.73 13.35 15.30
CA TRP B 229 12.69 12.70 14.52
C TRP B 229 12.98 11.21 14.55
N ASP B 230 11.93 10.41 14.64
CA ASP B 230 12.06 8.96 14.53
C ASP B 230 11.54 8.52 13.17
N PRO B 231 12.42 8.19 12.21
CA PRO B 231 11.96 7.85 10.85
C PRO B 231 11.06 6.61 10.77
N GLN B 232 10.96 5.81 11.84
CA GLN B 232 9.99 4.72 11.82
C GLN B 232 8.58 5.24 11.60
N TRP B 233 8.26 6.43 12.12
CA TRP B 233 6.93 7.02 11.91
C TRP B 233 6.59 7.12 10.43
N GLU B 234 7.60 7.42 9.59
CA GLU B 234 7.32 7.46 8.16
C GLU B 234 6.76 6.12 7.71
N GLN B 235 7.50 5.04 8.04
CA GLN B 235 7.04 3.68 7.82
C GLN B 235 5.59 3.50 8.29
N TYR B 236 5.31 3.94 9.52
CA TYR B 236 3.96 3.79 10.07
C TYR B 236 2.95 4.49 9.19
N LEU B 237 3.18 5.79 8.94
CA LEU B 237 2.23 6.57 8.17
C LEU B 237 2.19 6.10 6.73
N ALA B 238 3.20 5.35 6.27
CA ALA B 238 3.13 4.86 4.91
C ALA B 238 1.97 3.92 4.70
N ALA B 239 1.34 3.42 5.78
CA ALA B 239 0.19 2.55 5.64
C ALA B 239 -0.99 3.25 4.97
N SER B 240 -1.08 4.58 5.10
CA SER B 240 -2.25 5.26 4.56
C SER B 240 -2.02 5.64 3.10
N PRO B 241 -2.96 5.35 2.20
CA PRO B 241 -2.79 5.77 0.80
C PRO B 241 -2.80 7.29 0.62
N PHE B 242 -3.14 8.05 1.65
CA PHE B 242 -3.12 9.50 1.58
C PHE B 242 -1.78 10.09 2.02
N TYR B 243 -0.84 9.26 2.46
CA TYR B 243 0.46 9.76 2.91
C TYR B 243 1.31 10.14 1.71
N ARG B 244 1.92 11.34 1.78
CA ARG B 244 2.73 11.86 0.70
C ARG B 244 4.15 12.23 1.14
N GLY B 245 4.61 11.72 2.29
CA GLY B 245 5.99 11.93 2.67
C GLY B 245 6.24 13.08 3.63
N GLU B 246 7.44 13.68 3.56
CA GLU B 246 7.82 14.73 4.50
C GLU B 246 8.30 15.98 3.78
N VAL B 247 8.32 17.08 4.53
CA VAL B 247 8.90 18.35 4.14
C VAL B 247 9.84 18.80 5.24
N VAL B 248 11.02 19.31 4.89
CA VAL B 248 12.00 19.81 5.85
C VAL B 248 12.05 21.33 5.78
N PHE B 249 11.96 21.96 6.94
CA PHE B 249 12.20 23.39 7.13
C PHE B 249 13.70 23.63 7.20
N LEU B 250 14.28 24.17 6.13
CA LEU B 250 15.68 24.51 6.12
C LEU B 250 15.99 25.64 7.11
N LEU B 251 17.19 25.60 7.70
CA LEU B 251 17.66 26.55 8.70
C LEU B 251 19.02 27.11 8.29
N ASN B 252 19.30 28.33 8.73
CA ASN B 252 20.51 29.13 8.42
C ASN B 252 20.70 29.39 6.94
N SER C 39 8.27 -25.72 -12.04
CA SER C 39 7.31 -26.04 -13.10
C SER C 39 6.32 -24.91 -13.29
N HIS C 40 5.67 -24.85 -14.46
CA HIS C 40 4.67 -23.83 -14.76
C HIS C 40 3.25 -24.34 -14.54
N LYS C 41 3.08 -25.37 -13.72
CA LYS C 41 1.76 -25.90 -13.41
C LYS C 41 1.48 -25.70 -11.93
N VAL C 42 0.20 -25.52 -11.63
CA VAL C 42 -0.26 -25.19 -10.30
C VAL C 42 -0.41 -26.46 -9.48
N TYR C 43 0.37 -26.57 -8.41
CA TYR C 43 0.25 -27.68 -7.47
C TYR C 43 -0.17 -27.16 -6.10
N ALA C 44 -1.12 -27.87 -5.49
CA ALA C 44 -1.71 -27.40 -4.25
C ALA C 44 -0.69 -27.35 -3.12
N HIS C 45 0.31 -28.26 -3.13
CA HIS C 45 1.29 -28.24 -2.06
C HIS C 45 2.11 -26.95 -2.03
N ASP C 46 2.00 -26.08 -3.05
CA ASP C 46 2.69 -24.80 -3.06
C ASP C 46 1.78 -23.64 -2.66
N TYR C 47 0.57 -23.91 -2.17
CA TYR C 47 -0.38 -22.85 -1.88
C TYR C 47 -1.04 -23.13 -0.54
N GLN C 48 -1.76 -22.11 -0.06
CA GLN C 48 -2.29 -22.09 1.30
C GLN C 48 -3.72 -21.57 1.37
N ALA C 49 -4.42 -21.46 0.24
CA ALA C 49 -5.79 -20.98 0.20
C ALA C 49 -6.48 -21.70 -0.94
N PHE C 50 -7.68 -22.20 -0.70
CA PHE C 50 -8.32 -23.10 -1.64
C PHE C 50 -9.81 -22.86 -1.69
N TRP C 51 -10.38 -23.11 -2.87
CA TRP C 51 -11.81 -23.33 -3.02
C TRP C 51 -12.08 -24.81 -2.90
N LEU C 52 -13.08 -25.19 -2.11
CA LEU C 52 -13.66 -26.54 -2.15
C LEU C 52 -15.06 -26.40 -2.73
N TRP C 53 -15.23 -26.82 -3.98
CA TRP C 53 -16.47 -26.65 -4.71
C TRP C 53 -17.41 -27.82 -4.46
N SER C 54 -18.68 -27.61 -4.81
CA SER C 54 -19.63 -28.70 -4.74
C SER C 54 -19.13 -29.85 -5.60
N GLY C 55 -19.16 -31.06 -5.05
CA GLY C 55 -18.71 -32.23 -5.77
C GLY C 55 -17.21 -32.47 -5.79
N VAL C 56 -16.42 -31.62 -5.15
CA VAL C 56 -14.98 -31.79 -5.04
C VAL C 56 -14.68 -32.36 -3.66
N ASN C 57 -13.88 -33.45 -3.60
CA ASN C 57 -13.50 -34.04 -2.32
C ASN C 57 -12.44 -33.21 -1.60
N PRO C 58 -12.43 -33.22 -0.27
CA PRO C 58 -11.35 -32.56 0.47
C PRO C 58 -10.02 -33.22 0.13
N GLN C 59 -8.95 -32.44 0.22
CA GLN C 59 -7.61 -32.86 -0.15
C GLN C 59 -6.65 -32.57 0.99
N PRO C 60 -5.53 -33.31 1.08
CA PRO C 60 -4.54 -33.02 2.14
C PRO C 60 -4.10 -31.57 2.23
N ALA C 61 -4.00 -30.85 1.11
CA ALA C 61 -3.60 -29.44 1.15
C ALA C 61 -4.48 -28.59 2.06
N LEU C 62 -5.73 -29.00 2.30
CA LEU C 62 -6.60 -28.22 3.16
C LEU C 62 -6.03 -28.11 4.58
N GLN C 63 -5.24 -29.09 5.00
CA GLN C 63 -4.65 -29.05 6.34
C GLN C 63 -3.43 -28.16 6.42
N GLN C 64 -2.92 -27.67 5.29
CA GLN C 64 -1.82 -26.72 5.33
C GLN C 64 -2.29 -25.31 5.02
N ALA C 65 -3.59 -25.11 4.84
CA ALA C 65 -4.16 -23.87 4.34
C ALA C 65 -4.46 -22.90 5.47
N ASN C 66 -4.36 -21.61 5.14
CA ASN C 66 -4.73 -20.53 6.05
C ASN C 66 -6.16 -20.02 5.83
N GLN C 67 -6.75 -20.27 4.66
CA GLN C 67 -8.12 -19.88 4.34
C GLN C 67 -8.75 -20.91 3.41
N VAL C 68 -10.08 -21.06 3.51
CA VAL C 68 -10.79 -21.91 2.57
C VAL C 68 -12.05 -21.20 2.11
N TYR C 69 -12.45 -21.48 0.87
CA TYR C 69 -13.60 -20.86 0.24
C TYR C 69 -14.58 -22.00 -0.09
N LEU C 70 -15.59 -22.17 0.76
CA LEU C 70 -16.48 -23.33 0.72
C LEU C 70 -17.70 -23.00 -0.13
N HIS C 71 -17.83 -23.66 -1.27
CA HIS C 71 -18.99 -23.43 -2.12
C HIS C 71 -20.25 -23.97 -1.46
N GLN C 72 -21.34 -23.19 -1.51
CA GLN C 72 -22.57 -23.56 -0.84
C GLN C 72 -23.83 -23.47 -1.71
N GLY C 73 -23.69 -23.17 -2.99
CA GLY C 73 -24.85 -23.21 -3.84
C GLY C 73 -24.83 -22.05 -4.82
N GLU C 74 -25.99 -21.76 -5.38
CA GLU C 74 -26.00 -20.83 -6.50
C GLU C 74 -27.40 -20.22 -6.62
N VAL C 75 -27.45 -18.98 -7.06
CA VAL C 75 -28.72 -18.33 -7.40
C VAL C 75 -28.83 -18.29 -8.93
N VAL C 76 -29.79 -19.02 -9.48
CA VAL C 76 -30.00 -19.16 -10.91
C VAL C 76 -31.43 -18.78 -11.26
N ILE C 77 -31.65 -18.47 -12.54
CA ILE C 77 -32.99 -18.15 -13.02
C ILE C 77 -33.74 -19.45 -13.29
N ARG C 78 -35.00 -19.48 -12.86
CA ARG C 78 -35.87 -20.65 -13.06
C ARG C 78 -37.30 -20.13 -13.21
N GLN C 79 -37.83 -20.23 -14.43
CA GLN C 79 -39.16 -19.68 -14.78
C GLN C 79 -39.17 -18.16 -14.65
N ARG C 80 -38.09 -17.52 -15.11
CA ARG C 80 -37.91 -16.08 -15.02
C ARG C 80 -37.98 -15.58 -13.58
N ALA C 81 -37.61 -16.43 -12.63
CA ALA C 81 -37.59 -16.03 -11.23
C ALA C 81 -36.33 -16.57 -10.59
N ALA C 82 -35.72 -15.75 -9.74
CA ALA C 82 -34.51 -16.17 -9.05
C ALA C 82 -34.82 -17.35 -8.11
N TRP C 83 -33.86 -18.26 -8.01
CA TRP C 83 -33.99 -19.46 -7.21
C TRP C 83 -32.62 -19.77 -6.64
N PHE C 84 -32.55 -19.96 -5.33
CA PHE C 84 -31.31 -20.41 -4.71
C PHE C 84 -31.30 -21.93 -4.60
N GLN C 85 -30.21 -22.54 -5.02
CA GLN C 85 -30.01 -23.98 -4.95
C GLN C 85 -28.87 -24.23 -3.98
N LYS C 86 -29.21 -24.75 -2.81
CA LYS C 86 -28.21 -25.13 -1.83
C LYS C 86 -27.41 -26.31 -2.34
N GLY C 88 -23.31 -28.54 -1.96
CA GLY C 88 -22.10 -28.77 -1.20
C GLY C 88 -22.36 -29.34 0.18
N LEU C 89 -21.39 -29.09 1.06
CA LEU C 89 -21.39 -29.66 2.40
C LEU C 89 -22.48 -29.01 3.25
N PRO C 90 -23.14 -29.76 4.13
CA PRO C 90 -24.08 -29.11 5.05
C PRO C 90 -23.32 -28.41 6.16
N SER C 91 -23.84 -27.25 6.58
CA SER C 91 -23.22 -26.53 7.69
C SER C 91 -23.09 -27.46 8.89
N SER C 92 -21.89 -27.53 9.43
CA SER C 92 -21.54 -28.55 10.42
C SER C 92 -20.15 -28.20 10.94
N ARG C 93 -19.77 -28.84 12.04
CA ARG C 93 -18.39 -28.69 12.51
C ARG C 93 -17.47 -29.50 11.60
N LEU C 94 -16.49 -28.84 11.01
CA LEU C 94 -15.55 -29.47 10.10
C LEU C 94 -14.13 -29.04 10.48
N THR C 95 -13.14 -29.85 10.10
CA THR C 95 -11.74 -29.48 10.33
C THR C 95 -11.26 -28.67 9.13
N LEU C 96 -11.57 -27.39 9.18
CA LEU C 96 -11.20 -26.45 8.14
C LEU C 96 -10.49 -25.26 8.77
N PRO C 97 -9.66 -24.55 8.01
CA PRO C 97 -9.11 -23.30 8.53
C PRO C 97 -10.21 -22.24 8.51
N ALA C 98 -9.88 -20.99 8.84
CA ALA C 98 -10.83 -19.89 8.67
C ALA C 98 -11.48 -19.97 7.29
N TRP C 100 -14.56 -18.89 4.17
CA TRP C 100 -15.60 -18.13 3.48
C TRP C 100 -16.71 -19.07 3.02
N VAL C 101 -17.95 -18.57 3.05
CA VAL C 101 -19.05 -19.16 2.28
C VAL C 101 -19.02 -18.55 0.87
N THR C 102 -18.97 -19.39 -0.16
CA THR C 102 -19.01 -18.94 -1.54
C THR C 102 -20.34 -19.28 -2.19
N VAL C 103 -20.98 -18.27 -2.81
CA VAL C 103 -22.22 -18.47 -3.57
C VAL C 103 -22.08 -17.84 -4.97
N ARG C 104 -22.37 -18.62 -5.99
CA ARG C 104 -22.28 -18.11 -7.36
C ARG C 104 -23.63 -17.54 -7.76
N ILE C 105 -23.65 -16.31 -8.25
CA ILE C 105 -24.90 -15.69 -8.62
C ILE C 105 -24.89 -15.44 -10.13
N THR C 106 -25.89 -15.97 -10.81
CA THR C 106 -26.00 -15.88 -12.25
C THR C 106 -27.04 -14.85 -12.68
N THR C 107 -27.61 -14.14 -11.72
CA THR C 107 -28.55 -13.05 -12.01
C THR C 107 -28.48 -12.06 -10.86
N LEU C 108 -28.71 -10.80 -11.17
CA LEU C 108 -28.78 -9.75 -10.16
C LEU C 108 -30.22 -9.41 -9.80
N ASP C 109 -31.18 -10.00 -10.50
CA ASP C 109 -32.61 -9.82 -10.22
C ASP C 109 -32.99 -10.83 -9.13
N VAL C 110 -32.59 -10.52 -7.90
CA VAL C 110 -32.71 -11.43 -6.78
C VAL C 110 -33.48 -10.77 -5.64
N PRO C 111 -34.60 -11.32 -5.19
CA PRO C 111 -35.38 -10.67 -4.13
C PRO C 111 -34.74 -10.79 -2.75
N ASP C 112 -35.24 -9.93 -1.86
CA ASP C 112 -34.73 -9.83 -0.50
C ASP C 112 -34.76 -11.18 0.21
N ASP C 113 -35.78 -12.02 -0.03
CA ASP C 113 -35.87 -13.26 0.73
C ASP C 113 -34.74 -14.22 0.38
N ILE C 114 -34.31 -14.22 -0.89
CA ILE C 114 -33.13 -15.03 -1.24
C ILE C 114 -31.84 -14.42 -0.66
N LEU C 115 -31.75 -13.09 -0.59
CA LEU C 115 -30.58 -12.47 0.05
C LEU C 115 -30.53 -12.83 1.53
N ALA C 116 -31.69 -12.89 2.17
CA ALA C 116 -31.75 -13.34 3.55
C ALA C 116 -31.19 -14.75 3.68
N ILE C 117 -31.49 -15.61 2.70
CA ILE C 117 -30.93 -16.97 2.74
C ILE C 117 -29.41 -16.94 2.60
N LEU C 118 -28.92 -16.13 1.66
CA LEU C 118 -27.47 -16.04 1.44
C LEU C 118 -26.77 -15.58 2.70
N ILE C 119 -27.29 -14.53 3.34
CA ILE C 119 -26.59 -13.97 4.49
C ILE C 119 -26.73 -14.87 5.70
N ASP C 120 -27.71 -15.77 5.72
CA ASP C 120 -27.79 -16.73 6.82
C ASP C 120 -26.75 -17.84 6.70
N LEU C 121 -26.29 -18.15 5.48
CA LEU C 121 -25.25 -19.18 5.35
C LEU C 121 -24.02 -18.99 6.26
N PRO C 122 -23.30 -17.85 6.24
CA PRO C 122 -22.17 -17.69 7.17
C PRO C 122 -22.58 -17.77 8.64
N ARG C 123 -23.77 -17.25 8.98
CA ARG C 123 -24.31 -17.39 10.33
C ARG C 123 -24.43 -18.85 10.73
N ARG C 124 -24.90 -19.71 9.82
CA ARG C 124 -25.07 -21.11 10.20
C ARG C 124 -23.71 -21.79 10.34
N TRP C 125 -22.78 -21.51 9.42
CA TRP C 125 -21.47 -22.12 9.59
C TRP C 125 -20.77 -21.63 10.85
N ALA C 126 -21.03 -20.39 11.26
CA ALA C 126 -20.42 -19.89 12.48
C ALA C 126 -21.06 -20.53 13.70
N ALA C 127 -22.40 -20.69 13.67
CA ALA C 127 -23.11 -21.36 14.75
C ALA C 127 -22.64 -22.80 14.93
N ALA C 128 -22.05 -23.40 13.89
CA ALA C 128 -21.59 -24.79 13.96
C ALA C 128 -20.22 -24.92 14.61
N GLY C 129 -19.57 -23.81 14.95
CA GLY C 129 -18.27 -23.85 15.60
C GLY C 129 -17.10 -23.53 14.70
N ASN C 130 -17.34 -23.05 13.48
CA ASN C 130 -16.28 -22.75 12.54
C ASN C 130 -15.93 -21.26 12.58
N GLN C 131 -14.64 -20.96 12.38
CA GLN C 131 -14.19 -19.59 12.20
C GLN C 131 -14.59 -19.13 10.80
N VAL C 132 -15.56 -18.24 10.71
CA VAL C 132 -16.14 -17.85 9.42
C VAL C 132 -15.75 -16.42 9.10
N ILE C 133 -14.96 -16.23 8.05
CA ILE C 133 -14.53 -14.89 7.65
C ILE C 133 -15.71 -14.08 7.09
N GLY C 134 -16.50 -14.68 6.19
CA GLY C 134 -17.57 -13.90 5.56
C GLY C 134 -18.17 -14.62 4.36
N LEU C 135 -18.86 -13.82 3.52
CA LEU C 135 -19.58 -14.26 2.34
C LEU C 135 -18.90 -13.75 1.08
N GLN C 136 -18.59 -14.65 0.18
CA GLN C 136 -17.96 -14.31 -1.10
C GLN C 136 -18.96 -14.59 -2.20
N ILE C 137 -19.24 -13.57 -3.00
CA ILE C 137 -20.12 -13.68 -4.14
C ILE C 137 -19.26 -13.98 -5.37
N ASP C 138 -19.59 -15.06 -6.07
CA ASP C 138 -18.95 -15.42 -7.34
C ASP C 138 -19.88 -14.96 -8.47
N PHE C 139 -19.57 -13.80 -9.06
CA PHE C 139 -20.32 -13.25 -10.19
C PHE C 139 -20.06 -14.06 -11.45
N ASP C 140 -21.09 -14.72 -11.94
CA ASP C 140 -21.07 -15.46 -13.20
C ASP C 140 -22.35 -15.16 -13.96
N ALA C 141 -22.67 -13.87 -14.09
CA ALA C 141 -24.00 -13.47 -14.53
C ALA C 141 -24.10 -13.09 -15.99
N GLY C 142 -23.04 -12.53 -16.58
CA GLY C 142 -23.10 -12.12 -17.97
C GLY C 142 -22.85 -10.64 -18.19
N THR C 143 -23.80 -9.97 -18.82
CA THR C 143 -23.63 -8.59 -19.28
C THR C 143 -24.44 -7.67 -18.38
N TYR C 144 -23.73 -6.99 -17.47
CA TYR C 144 -24.32 -6.07 -16.51
C TYR C 144 -23.42 -4.84 -16.41
N ARG C 145 -24.04 -3.68 -16.16
CA ARG C 145 -23.27 -2.53 -15.74
C ARG C 145 -22.67 -2.79 -14.37
N LEU C 146 -21.53 -2.14 -14.10
CA LEU C 146 -20.99 -2.23 -12.74
C LEU C 146 -21.85 -1.48 -11.75
N ASP C 147 -22.68 -0.55 -12.24
CA ASP C 147 -23.72 0.06 -11.41
C ASP C 147 -24.55 -1.01 -10.71
N ASP C 148 -25.02 -2.00 -11.48
CA ASP C 148 -25.91 -3.01 -10.92
C ASP C 148 -25.17 -3.95 -9.99
N TYR C 149 -23.93 -4.31 -10.33
CA TYR C 149 -23.12 -5.07 -9.38
C TYR C 149 -22.95 -4.31 -8.07
N ALA C 150 -22.69 -3.02 -8.15
CA ALA C 150 -22.56 -2.21 -6.95
C ALA C 150 -23.84 -2.22 -6.13
N GLY C 151 -24.99 -2.02 -6.78
CA GLY C 151 -26.26 -2.01 -6.06
C GLY C 151 -26.58 -3.35 -5.43
N PHE C 152 -26.29 -4.44 -6.14
CA PHE C 152 -26.46 -5.77 -5.57
C PHE C 152 -25.58 -5.97 -4.34
N LEU C 153 -24.32 -5.50 -4.40
CA LEU C 153 -23.43 -5.69 -3.26
C LEU C 153 -23.82 -4.82 -2.09
N ARG C 154 -24.19 -3.55 -2.34
CA ARG C 154 -24.76 -2.73 -1.27
C ARG C 154 -25.92 -3.45 -0.59
N ARG C 155 -26.77 -4.12 -1.38
CA ARG C 155 -27.92 -4.80 -0.78
C ARG C 155 -27.49 -5.94 0.14
N VAL C 156 -26.59 -6.77 -0.37
CA VAL C 156 -26.04 -7.85 0.42
C VAL C 156 -25.40 -7.31 1.69
N ARG C 157 -24.54 -6.29 1.54
CA ARG C 157 -23.83 -5.72 2.68
C ARG C 157 -24.79 -5.19 3.72
N THR C 158 -25.93 -4.62 3.29
CA THR C 158 -26.90 -4.14 4.25
C THR C 158 -27.54 -5.29 5.02
N LYS C 159 -27.72 -6.44 4.35
CA LYS C 159 -28.32 -7.58 5.04
C LYS C 159 -27.32 -8.45 5.79
N LEU C 160 -26.03 -8.36 5.46
CA LEU C 160 -25.02 -9.25 6.04
C LEU C 160 -24.55 -8.74 7.41
N ASP C 161 -24.53 -9.63 8.40
CA ASP C 161 -24.10 -9.27 9.75
C ASP C 161 -22.75 -8.55 9.70
N PRO C 162 -22.54 -7.49 10.49
CA PRO C 162 -21.35 -6.65 10.29
C PRO C 162 -20.05 -7.34 10.65
N ASN C 163 -20.09 -8.43 11.42
CA ASN C 163 -18.87 -9.14 11.73
C ASN C 163 -18.37 -9.96 10.56
N PHE C 164 -19.12 -10.02 9.47
CA PHE C 164 -18.78 -10.78 8.29
C PHE C 164 -18.28 -9.86 7.19
N ALA C 165 -17.19 -10.26 6.56
CA ALA C 165 -16.59 -9.60 5.43
C ALA C 165 -17.37 -9.98 4.17
N LEU C 166 -17.27 -9.12 3.16
CA LEU C 166 -17.97 -9.32 1.90
C LEU C 166 -16.90 -9.43 0.80
N GLY C 167 -16.80 -10.60 0.18
CA GLY C 167 -15.81 -10.77 -0.86
C GLY C 167 -16.44 -10.94 -2.23
N VAL C 168 -15.69 -10.66 -3.28
CA VAL C 168 -16.15 -10.87 -4.65
C VAL C 168 -15.10 -11.69 -5.41
N THR C 169 -15.58 -12.57 -6.30
CA THR C 169 -14.72 -13.27 -7.24
C THR C 169 -15.50 -13.44 -8.54
N GLY C 170 -14.74 -13.65 -9.61
CA GLY C 170 -15.28 -13.85 -10.93
C GLY C 170 -14.14 -13.88 -11.92
N LEU C 171 -14.49 -14.12 -13.19
CA LEU C 171 -13.50 -14.25 -14.25
C LEU C 171 -12.87 -12.90 -14.57
N LEU C 172 -11.64 -12.93 -15.07
CA LEU C 172 -10.72 -11.80 -15.00
C LEU C 172 -11.42 -10.46 -15.15
N ASP C 173 -12.06 -10.20 -16.30
CA ASP C 173 -12.80 -8.95 -16.46
C ASP C 173 -14.31 -9.17 -16.50
N ILE C 180 -10.73 1.32 -13.51
CA ILE C 180 -10.45 0.87 -12.14
C ILE C 180 -11.05 1.83 -11.13
N GLN C 181 -11.32 3.05 -11.58
CA GLN C 181 -11.84 4.07 -10.67
C GLN C 181 -13.12 3.62 -10.01
N GLN C 182 -14.03 3.02 -10.79
CA GLN C 182 -15.27 2.54 -10.18
C GLN C 182 -15.23 1.05 -9.83
N LEU C 183 -14.18 0.30 -10.22
CA LEU C 183 -14.02 -1.01 -9.63
C LEU C 183 -13.47 -0.91 -8.21
N ASN C 184 -12.62 0.08 -7.94
CA ASN C 184 -12.27 0.37 -6.56
C ASN C 184 -13.46 0.88 -5.76
N ALA C 185 -14.49 1.40 -6.44
CA ALA C 185 -15.70 1.89 -5.79
C ALA C 185 -16.59 0.79 -5.25
N LEU C 186 -16.26 -0.48 -5.52
CA LEU C 186 -17.10 -1.58 -5.07
C LEU C 186 -17.06 -1.69 -3.55
N PRO C 187 -18.18 -1.82 -2.89
CA PRO C 187 -18.19 -1.87 -1.42
C PRO C 187 -17.90 -3.28 -0.92
N ILE C 188 -16.63 -3.71 -1.05
CA ILE C 188 -16.22 -5.08 -0.79
C ILE C 188 -14.89 -5.13 -0.05
N ASP C 189 -14.65 -6.26 0.64
CA ASP C 189 -13.47 -6.39 1.48
C ASP C 189 -12.33 -7.16 0.81
N GLU C 190 -12.64 -8.01 -0.16
CA GLU C 190 -11.66 -8.78 -0.87
C GLU C 190 -12.17 -9.07 -2.28
N LEU C 191 -11.27 -9.01 -3.25
CA LEU C 191 -11.54 -9.36 -4.63
C LEU C 191 -10.60 -10.47 -5.06
N VAL C 192 -11.13 -11.53 -5.65
CA VAL C 192 -10.30 -12.60 -6.20
C VAL C 192 -10.53 -12.63 -7.71
N ILE C 193 -9.45 -12.52 -8.47
CA ILE C 193 -9.51 -12.51 -9.94
C ILE C 193 -9.28 -13.94 -10.42
N GLN C 194 -10.29 -14.56 -11.02
CA GLN C 194 -10.13 -15.94 -11.49
C GLN C 194 -9.46 -15.98 -12.85
N THR C 195 -8.51 -16.90 -13.00
CA THR C 195 -7.77 -17.06 -14.24
C THR C 195 -8.14 -18.34 -15.00
N TYR C 196 -9.10 -19.11 -14.47
CA TYR C 196 -9.43 -20.41 -15.04
C TYR C 196 -10.89 -20.43 -15.50
N GLN C 197 -11.19 -21.38 -16.37
CA GLN C 197 -12.57 -21.79 -16.65
C GLN C 197 -12.61 -23.30 -16.60
N GLY C 198 -13.49 -23.86 -15.80
CA GLY C 198 -13.54 -25.30 -15.65
C GLY C 198 -12.20 -25.80 -15.15
N ARG C 199 -11.56 -26.68 -15.93
CA ARG C 199 -10.33 -27.33 -15.48
C ARG C 199 -9.07 -26.69 -16.04
N SER C 200 -9.18 -25.62 -16.84
CA SER C 200 -8.02 -25.04 -17.50
C SER C 200 -7.88 -23.55 -17.23
N THR C 201 -6.63 -23.09 -17.12
CA THR C 201 -6.36 -21.66 -17.17
C THR C 201 -6.79 -21.09 -18.51
N VAL C 202 -7.44 -19.92 -18.48
CA VAL C 202 -7.85 -19.30 -19.72
C VAL C 202 -6.61 -18.85 -20.48
N ASN C 203 -6.58 -19.15 -21.77
CA ASN C 203 -5.45 -18.71 -22.57
C ASN C 203 -5.40 -17.18 -22.60
N GLN C 204 -4.20 -16.62 -22.52
CA GLN C 204 -3.99 -15.18 -22.51
C GLN C 204 -4.69 -14.52 -21.31
N TYR C 205 -4.79 -15.25 -20.20
CA TYR C 205 -5.12 -14.66 -18.91
C TYR C 205 -4.17 -13.51 -18.58
N SER C 206 -2.93 -13.59 -19.06
CA SER C 206 -1.91 -12.61 -18.71
C SER C 206 -2.32 -11.23 -19.16
N ARG C 207 -3.14 -11.13 -20.21
CA ARG C 207 -3.63 -9.84 -20.70
C ARG C 207 -4.23 -9.01 -19.59
N TYR C 208 -4.85 -9.63 -18.58
CA TYR C 208 -5.57 -8.86 -17.57
C TYR C 208 -4.75 -8.52 -16.33
N LEU C 209 -3.56 -9.09 -16.17
CA LEU C 209 -2.83 -8.96 -14.93
C LEU C 209 -2.09 -7.63 -14.72
N PRO C 210 -1.40 -7.06 -15.74
CA PRO C 210 -0.60 -5.83 -15.48
C PRO C 210 -1.34 -4.70 -14.77
N ALA C 211 -2.59 -4.44 -15.10
CA ALA C 211 -3.28 -3.29 -14.53
C ALA C 211 -3.80 -3.56 -13.12
N LEU C 212 -3.63 -4.77 -12.60
CA LEU C 212 -4.12 -5.01 -11.25
C LEU C 212 -3.30 -4.27 -10.20
N LEU C 213 -2.16 -3.69 -10.58
CA LEU C 213 -1.46 -2.78 -9.66
C LEU C 213 -2.27 -1.52 -9.38
N GLN C 214 -3.28 -1.22 -10.18
CA GLN C 214 -4.10 -0.04 -9.92
C GLN C 214 -5.19 -0.31 -8.88
N LEU C 215 -5.46 -1.57 -8.55
CA LEU C 215 -6.44 -1.89 -7.53
C LEU C 215 -6.04 -1.28 -6.19
N ARG C 216 -7.02 -0.73 -5.49
CA ARG C 216 -6.80 -0.22 -4.14
C ARG C 216 -7.64 -0.97 -3.11
N LEU C 217 -7.75 -2.28 -3.27
CA LEU C 217 -8.46 -3.09 -2.29
C LEU C 217 -7.80 -4.45 -2.23
N PRO C 218 -7.86 -5.15 -1.09
CA PRO C 218 -7.24 -6.47 -1.00
C PRO C 218 -7.68 -7.39 -2.13
N PHE C 219 -6.71 -7.96 -2.84
CA PHE C 219 -7.02 -8.81 -3.97
C PHE C 219 -6.11 -10.04 -4.02
N LYS C 220 -6.63 -11.09 -4.64
CA LYS C 220 -5.93 -12.35 -4.82
C LYS C 220 -6.09 -12.83 -6.25
N ILE C 221 -5.27 -13.81 -6.64
CA ILE C 221 -5.39 -14.46 -7.94
C ILE C 221 -5.94 -15.87 -7.72
N GLY C 222 -6.98 -16.23 -8.48
CA GLY C 222 -7.56 -17.56 -8.44
C GLY C 222 -7.03 -18.40 -9.57
N LEU C 223 -6.40 -19.52 -9.20
CA LEU C 223 -5.73 -20.47 -10.08
C LEU C 223 -6.40 -21.82 -9.98
N VAL C 224 -6.51 -22.55 -11.10
CA VAL C 224 -7.06 -23.90 -11.02
C VAL C 224 -5.94 -24.89 -10.78
N GLN C 225 -6.23 -25.90 -9.96
CA GLN C 225 -5.26 -26.94 -9.65
C GLN C 225 -4.83 -27.62 -10.94
N HIS C 226 -3.51 -27.67 -11.16
CA HIS C 226 -2.84 -28.28 -12.31
C HIS C 226 -3.05 -27.50 -13.60
N GLY C 227 -3.55 -26.29 -13.53
CA GLY C 227 -3.62 -25.46 -14.71
C GLY C 227 -2.30 -24.77 -14.97
N GLU C 228 -2.23 -24.13 -16.12
CA GLU C 228 -1.04 -23.39 -16.53
C GLU C 228 -0.97 -22.06 -15.79
N TRP C 229 0.24 -21.71 -15.34
CA TRP C 229 0.44 -20.50 -14.57
C TRP C 229 1.92 -20.15 -14.57
N ASP C 230 2.23 -18.86 -14.71
CA ASP C 230 3.60 -18.37 -14.61
C ASP C 230 3.76 -17.73 -13.25
N PRO C 231 4.40 -18.39 -12.28
CA PRO C 231 4.56 -17.78 -10.95
C PRO C 231 5.32 -16.45 -10.94
N GLN C 232 6.01 -16.06 -12.03
CA GLN C 232 6.63 -14.74 -12.04
C GLN C 232 5.60 -13.65 -11.79
N TRP C 233 4.36 -13.86 -12.24
CA TRP C 233 3.29 -12.89 -12.01
C TRP C 233 3.07 -12.63 -10.52
N GLU C 234 3.25 -13.66 -9.69
CA GLU C 234 3.14 -13.46 -8.26
C GLU C 234 4.13 -12.40 -7.80
N GLN C 235 5.40 -12.55 -8.19
CA GLN C 235 6.40 -11.56 -7.83
C GLN C 235 5.97 -10.19 -8.34
N TYR C 236 5.44 -10.14 -9.56
CA TYR C 236 5.04 -8.84 -10.12
C TYR C 236 3.97 -8.22 -9.23
N LEU C 237 2.91 -9.00 -8.96
CA LEU C 237 1.80 -8.46 -8.19
C LEU C 237 2.23 -8.18 -6.76
N ALA C 238 3.33 -8.80 -6.31
CA ALA C 238 3.82 -8.56 -4.96
C ALA C 238 4.23 -7.12 -4.74
N ALA C 239 4.39 -6.33 -5.81
CA ALA C 239 4.75 -4.92 -5.65
C ALA C 239 3.62 -4.10 -5.03
N SER C 240 2.36 -4.55 -5.15
CA SER C 240 1.25 -3.74 -4.63
C SER C 240 1.00 -4.07 -3.17
N PRO C 241 0.80 -3.06 -2.31
CA PRO C 241 0.52 -3.35 -0.89
C PRO C 241 -0.80 -4.07 -0.69
N PHE C 242 -1.65 -4.14 -1.71
CA PHE C 242 -2.97 -4.75 -1.59
C PHE C 242 -2.99 -6.21 -2.02
N TYR C 243 -1.88 -6.74 -2.53
CA TYR C 243 -1.83 -8.13 -2.95
C TYR C 243 -1.80 -9.06 -1.74
N ARG C 244 -2.52 -10.15 -1.85
CA ARG C 244 -2.68 -11.08 -0.73
C ARG C 244 -2.44 -12.51 -1.18
N GLY C 245 -1.92 -12.70 -2.38
CA GLY C 245 -1.51 -14.02 -2.80
C GLY C 245 -2.54 -14.73 -3.66
N GLU C 246 -2.55 -16.06 -3.58
CA GLU C 246 -3.33 -16.86 -4.51
C GLU C 246 -4.29 -17.77 -3.76
N VAL C 247 -5.32 -18.22 -4.49
CA VAL C 247 -6.30 -19.21 -4.05
C VAL C 247 -6.39 -20.25 -5.15
N VAL C 248 -6.38 -21.54 -4.77
CA VAL C 248 -6.37 -22.64 -5.74
C VAL C 248 -7.70 -23.35 -5.70
N PHE C 249 -8.30 -23.54 -6.88
CA PHE C 249 -9.53 -24.31 -7.07
C PHE C 249 -9.17 -25.80 -7.19
N LEU C 250 -9.35 -26.54 -6.08
CA LEU C 250 -9.12 -27.98 -6.07
C LEU C 250 -10.06 -28.69 -7.06
N LEU C 251 -9.56 -29.77 -7.65
CA LEU C 251 -10.28 -30.57 -8.64
C LEU C 251 -10.16 -32.06 -8.31
N ASN C 252 -11.23 -32.80 -8.62
CA ASN C 252 -11.19 -34.25 -8.59
C ASN C 252 -10.50 -34.78 -9.84
N HIS C 253 -10.14 -36.06 -9.81
CA HIS C 253 -9.71 -36.71 -11.04
C HIS C 253 -10.87 -36.86 -12.02
N LEU C 254 -10.53 -36.83 -13.31
CA LEU C 254 -11.53 -37.21 -14.31
C LEU C 254 -11.76 -38.71 -14.26
N ARG C 255 -13.00 -39.11 -14.53
CA ARG C 255 -13.31 -40.52 -14.68
C ARG C 255 -12.40 -41.21 -15.70
N SER C 256 -11.96 -40.48 -16.71
CA SER C 256 -11.17 -41.09 -17.78
C SER C 256 -9.76 -41.46 -17.33
N GLU C 257 -9.27 -40.88 -16.23
CA GLU C 257 -7.94 -41.18 -15.73
C GLU C 257 -7.87 -42.60 -15.16
N SER D 39 6.78 26.19 -26.11
CA SER D 39 7.22 25.49 -24.92
C SER D 39 6.06 25.12 -23.98
N HIS D 40 5.38 24.03 -24.30
CA HIS D 40 4.24 23.54 -23.55
C HIS D 40 4.61 22.18 -22.93
N LYS D 41 3.61 21.47 -22.41
CA LYS D 41 3.82 20.24 -21.68
C LYS D 41 3.52 19.02 -22.55
N VAL D 42 4.14 17.89 -22.23
CA VAL D 42 3.98 16.64 -22.98
C VAL D 42 2.81 15.88 -22.39
N TYR D 43 1.76 15.67 -23.19
CA TYR D 43 0.62 14.84 -22.82
C TYR D 43 0.57 13.60 -23.68
N ALA D 44 0.19 12.46 -23.07
CA ALA D 44 0.26 11.20 -23.77
C ALA D 44 -0.75 11.11 -24.91
N HIS D 45 -1.89 11.79 -24.79
CA HIS D 45 -2.89 11.65 -25.84
C HIS D 45 -2.43 12.21 -27.18
N ASP D 46 -1.28 12.87 -27.23
CA ASP D 46 -0.76 13.47 -28.45
C ASP D 46 0.34 12.66 -29.12
N TYR D 47 0.69 11.49 -28.59
CA TYR D 47 1.80 10.73 -29.16
C TYR D 47 1.35 9.29 -29.39
N GLN D 48 2.22 8.51 -30.05
CA GLN D 48 1.88 7.16 -30.54
C GLN D 48 2.95 6.15 -30.19
N ALA D 49 3.82 6.45 -29.24
CA ALA D 49 4.92 5.58 -28.89
C ALA D 49 5.37 5.94 -27.48
N PHE D 50 5.65 4.92 -26.69
CA PHE D 50 5.77 5.09 -25.25
C PHE D 50 6.75 4.08 -24.69
N TRP D 51 7.50 4.48 -23.67
CA TRP D 51 8.16 3.55 -22.77
C TRP D 51 7.18 3.17 -21.66
N LEU D 52 7.15 1.88 -21.33
CA LEU D 52 6.55 1.39 -20.09
C LEU D 52 7.68 0.88 -19.20
N TRP D 53 8.10 1.69 -18.23
CA TRP D 53 9.23 1.40 -17.36
C TRP D 53 8.81 0.52 -16.18
N SER D 54 9.78 -0.04 -15.49
CA SER D 54 9.49 -0.88 -14.34
C SER D 54 8.86 -0.05 -13.24
N GLY D 55 7.77 -0.55 -12.68
CA GLY D 55 7.04 0.20 -11.67
C GLY D 55 6.13 1.27 -12.21
N VAL D 56 5.92 1.32 -13.52
CA VAL D 56 5.01 2.26 -14.16
C VAL D 56 3.78 1.49 -14.60
N ASN D 57 2.60 2.03 -14.29
CA ASN D 57 1.37 1.34 -14.63
C ASN D 57 0.98 1.54 -16.09
N PRO D 58 0.31 0.55 -16.68
CA PRO D 58 -0.34 0.78 -17.98
C PRO D 58 -1.26 2.01 -17.91
N GLN D 59 -1.40 2.67 -19.05
CA GLN D 59 -2.23 3.85 -19.22
C GLN D 59 -2.99 3.70 -20.53
N PRO D 60 -4.14 4.36 -20.67
CA PRO D 60 -4.95 4.21 -21.90
C PRO D 60 -4.23 4.50 -23.19
N ALA D 61 -3.29 5.46 -23.22
CA ALA D 61 -2.59 5.78 -24.47
C ALA D 61 -1.92 4.56 -25.10
N LEU D 62 -1.57 3.56 -24.29
CA LEU D 62 -1.01 2.33 -24.81
C LEU D 62 -1.89 1.66 -25.87
N GLN D 63 -3.22 1.74 -25.73
CA GLN D 63 -4.06 1.10 -26.73
C GLN D 63 -4.16 1.90 -28.03
N GLN D 64 -3.63 3.11 -28.08
CA GLN D 64 -3.62 3.92 -29.29
C GLN D 64 -2.21 4.11 -29.85
N ALA D 65 -1.26 3.29 -29.39
CA ALA D 65 0.13 3.44 -29.76
C ALA D 65 0.48 2.55 -30.95
N ASN D 66 1.47 2.99 -31.73
CA ASN D 66 2.02 2.14 -32.79
C ASN D 66 3.18 1.27 -32.30
N GLN D 67 4.02 1.79 -31.41
CA GLN D 67 5.08 1.01 -30.79
C GLN D 67 5.10 1.25 -29.29
N VAL D 68 5.66 0.27 -28.58
CA VAL D 68 5.92 0.35 -27.15
C VAL D 68 7.34 -0.13 -26.89
N TYR D 69 7.96 0.44 -25.87
CA TYR D 69 9.32 0.11 -25.46
C TYR D 69 9.21 -0.42 -24.03
N LEU D 70 9.28 -1.75 -23.86
CA LEU D 70 9.01 -2.40 -22.57
C LEU D 70 10.30 -2.57 -21.78
N HIS D 71 10.40 -1.91 -20.64
CA HIS D 71 11.59 -2.06 -19.83
C HIS D 71 11.64 -3.48 -19.29
N GLN D 72 12.78 -4.15 -19.45
CA GLN D 72 12.92 -5.51 -18.96
C GLN D 72 14.03 -5.70 -17.95
N GLY D 73 14.72 -4.65 -17.58
CA GLY D 73 15.70 -4.75 -16.54
C GLY D 73 16.97 -4.00 -16.89
N GLU D 74 18.04 -4.38 -16.20
CA GLU D 74 19.27 -3.60 -16.25
C GLU D 74 20.47 -4.49 -16.03
N VAL D 75 21.62 -4.08 -16.58
CA VAL D 75 22.90 -4.69 -16.23
C VAL D 75 23.65 -3.70 -15.35
N VAL D 76 23.98 -4.14 -14.13
CA VAL D 76 24.66 -3.32 -13.15
C VAL D 76 25.87 -4.08 -12.63
N ILE D 77 26.60 -3.46 -11.71
CA ILE D 77 27.75 -4.11 -11.10
C ILE D 77 27.31 -4.59 -9.73
N ARG D 78 27.20 -5.91 -9.56
CA ARG D 78 27.08 -6.53 -8.26
C ARG D 78 28.50 -6.87 -7.78
N GLN D 79 28.63 -7.74 -6.77
CA GLN D 79 29.74 -7.70 -5.81
C GLN D 79 31.07 -7.20 -6.40
N ARG D 80 31.57 -7.79 -7.51
CA ARG D 80 32.44 -7.04 -8.39
C ARG D 80 32.30 -7.48 -9.86
N ALA D 81 31.10 -7.89 -10.30
CA ALA D 81 30.97 -8.28 -11.70
C ALA D 81 29.64 -7.79 -12.27
N ALA D 82 29.54 -7.86 -13.59
CA ALA D 82 28.31 -7.48 -14.25
C ALA D 82 27.20 -8.46 -13.88
N TRP D 83 25.98 -7.94 -13.79
CA TRP D 83 24.86 -8.71 -13.28
C TRP D 83 23.60 -8.17 -13.93
N PHE D 84 22.79 -9.06 -14.51
CA PHE D 84 21.52 -8.66 -15.10
C PHE D 84 20.41 -8.85 -14.06
N GLN D 85 19.71 -7.77 -13.74
CA GLN D 85 18.54 -7.81 -12.89
C GLN D 85 17.33 -7.74 -13.81
N LYS D 86 16.59 -8.84 -13.88
CA LYS D 86 15.34 -8.85 -14.62
C LYS D 86 14.32 -8.01 -13.88
N GLY D 88 10.34 -5.54 -14.45
CA GLY D 88 9.20 -5.26 -15.31
C GLY D 88 8.29 -6.46 -15.50
N LEU D 89 7.50 -6.36 -16.59
CA LEU D 89 6.52 -7.38 -16.94
C LEU D 89 7.20 -8.70 -17.28
N PRO D 90 6.72 -9.83 -16.77
CA PRO D 90 7.24 -11.11 -17.27
C PRO D 90 6.77 -11.34 -18.70
N SER D 91 7.62 -11.96 -19.50
CA SER D 91 7.25 -12.26 -20.88
C SER D 91 5.99 -13.11 -20.92
N SER D 92 5.03 -12.68 -21.72
CA SER D 92 3.67 -13.24 -21.68
C SER D 92 2.92 -12.65 -22.85
N ARG D 93 1.72 -13.20 -23.11
CA ARG D 93 0.85 -12.63 -24.14
C ARG D 93 0.15 -11.42 -23.55
N LEU D 94 0.45 -10.25 -24.09
CA LEU D 94 -0.18 -9.03 -23.62
C LEU D 94 -0.84 -8.31 -24.78
N THR D 95 -1.79 -7.43 -24.45
CA THR D 95 -2.46 -6.60 -25.45
C THR D 95 -1.61 -5.36 -25.66
N LEU D 96 -0.63 -5.49 -26.53
CA LEU D 96 0.32 -4.43 -26.80
C LEU D 96 0.48 -4.24 -28.31
N PRO D 97 0.89 -3.04 -28.73
CA PRO D 97 1.37 -2.87 -30.10
C PRO D 97 2.71 -3.55 -30.32
N ALA D 98 3.27 -3.48 -31.53
CA ALA D 98 4.64 -3.91 -31.74
C ALA D 98 5.54 -3.30 -30.68
N TRP D 100 9.47 -3.08 -28.45
CA TRP D 100 10.88 -3.28 -28.18
C TRP D 100 11.05 -3.80 -26.76
N VAL D 101 12.12 -4.57 -26.54
CA VAL D 101 12.62 -4.85 -25.20
C VAL D 101 13.71 -3.83 -24.87
N THR D 102 13.56 -3.10 -23.77
CA THR D 102 14.55 -2.10 -23.38
C THR D 102 15.35 -2.58 -22.17
N VAL D 103 16.68 -2.62 -22.29
CA VAL D 103 17.51 -2.97 -21.14
C VAL D 103 18.47 -1.82 -20.86
N ARG D 104 18.50 -1.38 -19.61
CA ARG D 104 19.43 -0.33 -19.19
C ARG D 104 20.84 -0.91 -18.92
N ILE D 105 21.85 -0.33 -19.55
CA ILE D 105 23.24 -0.80 -19.48
C ILE D 105 24.06 0.24 -18.75
N THR D 106 24.53 -0.09 -17.55
CA THR D 106 25.34 0.82 -16.73
C THR D 106 26.83 0.51 -16.76
N THR D 107 27.25 -0.55 -17.47
CA THR D 107 28.66 -0.85 -17.65
C THR D 107 28.81 -1.57 -18.97
N LEU D 108 29.89 -1.29 -19.69
CA LEU D 108 30.14 -1.99 -20.94
C LEU D 108 31.00 -3.22 -20.74
N ASP D 109 31.55 -3.43 -19.55
CA ASP D 109 32.31 -4.65 -19.27
C ASP D 109 31.31 -5.74 -18.90
N VAL D 110 30.77 -6.38 -19.94
CA VAL D 110 29.71 -7.34 -19.75
C VAL D 110 30.08 -8.63 -20.46
N PRO D 111 30.07 -9.77 -19.77
CA PRO D 111 30.48 -11.03 -20.41
C PRO D 111 29.39 -11.58 -21.31
N ASP D 112 29.81 -12.54 -22.15
CA ASP D 112 28.94 -13.08 -23.19
C ASP D 112 27.70 -13.76 -22.61
N ASP D 113 27.79 -14.35 -21.40
CA ASP D 113 26.62 -15.03 -20.86
C ASP D 113 25.49 -14.04 -20.57
N ILE D 114 25.85 -12.83 -20.12
CA ILE D 114 24.85 -11.79 -19.91
C ILE D 114 24.31 -11.29 -21.25
N LEU D 115 25.17 -11.16 -22.27
CA LEU D 115 24.69 -10.75 -23.59
C LEU D 115 23.70 -11.78 -24.15
N ALA D 116 23.96 -13.04 -23.89
CA ALA D 116 23.05 -14.12 -24.26
C ALA D 116 21.70 -13.94 -23.57
N ILE D 117 21.72 -13.63 -22.26
CA ILE D 117 20.48 -13.30 -21.54
C ILE D 117 19.73 -12.19 -22.27
N LEU D 118 20.45 -11.11 -22.57
CA LEU D 118 19.83 -9.94 -23.18
C LEU D 118 19.16 -10.30 -24.50
N ILE D 119 19.89 -10.99 -25.38
CA ILE D 119 19.34 -11.29 -26.69
C ILE D 119 18.24 -12.35 -26.60
N ASP D 120 18.17 -13.11 -25.50
CA ASP D 120 17.04 -14.02 -25.31
C ASP D 120 15.74 -13.27 -24.94
N LEU D 121 15.85 -12.14 -24.27
CA LEU D 121 14.61 -11.41 -23.96
C LEU D 121 13.63 -11.23 -25.14
N PRO D 122 14.02 -10.65 -26.28
CA PRO D 122 13.04 -10.53 -27.38
C PRO D 122 12.60 -11.87 -27.94
N ARG D 123 13.46 -12.88 -27.92
CA ARG D 123 13.06 -14.23 -28.33
C ARG D 123 11.88 -14.71 -27.50
N ARG D 124 11.97 -14.55 -26.18
CA ARG D 124 10.90 -15.03 -25.32
C ARG D 124 9.64 -14.20 -25.48
N TRP D 125 9.76 -12.90 -25.71
CA TRP D 125 8.52 -12.14 -25.92
C TRP D 125 7.88 -12.50 -27.26
N ALA D 126 8.68 -12.83 -28.27
CA ALA D 126 8.14 -13.26 -29.55
C ALA D 126 7.47 -14.61 -29.42
N ALA D 127 8.12 -15.55 -28.74
CA ALA D 127 7.55 -16.87 -28.53
C ALA D 127 6.22 -16.80 -27.79
N ALA D 128 6.02 -15.75 -26.99
CA ALA D 128 4.76 -15.52 -26.32
C ALA D 128 3.70 -14.92 -27.23
N GLY D 129 3.96 -14.84 -28.54
CA GLY D 129 2.97 -14.41 -29.50
C GLY D 129 2.88 -12.92 -29.71
N ASN D 130 3.78 -12.14 -29.12
CA ASN D 130 3.79 -10.71 -29.33
C ASN D 130 4.61 -10.36 -30.57
N GLN D 131 4.34 -9.17 -31.11
CA GLN D 131 5.07 -8.66 -32.26
C GLN D 131 6.26 -7.87 -31.74
N VAL D 132 7.46 -8.42 -31.89
CA VAL D 132 8.65 -7.88 -31.25
C VAL D 132 9.54 -7.29 -32.32
N ILE D 133 9.77 -5.97 -32.24
CA ILE D 133 10.64 -5.30 -33.19
C ILE D 133 12.11 -5.65 -32.93
N GLY D 134 12.54 -5.57 -31.68
CA GLY D 134 13.94 -5.87 -31.38
C GLY D 134 14.34 -5.46 -29.97
N LEU D 135 15.65 -5.24 -29.81
CA LEU D 135 16.25 -4.91 -28.53
C LEU D 135 16.82 -3.50 -28.58
N GLN D 136 16.42 -2.71 -27.59
CA GLN D 136 16.89 -1.34 -27.40
C GLN D 136 17.82 -1.29 -26.20
N ILE D 137 19.03 -0.80 -26.43
CA ILE D 137 20.01 -0.61 -25.36
C ILE D 137 19.87 0.80 -24.84
N ASP D 138 19.63 0.93 -23.54
CA ASP D 138 19.52 2.24 -22.89
C ASP D 138 20.84 2.48 -22.15
N PHE D 139 21.72 3.29 -22.76
CA PHE D 139 23.04 3.53 -22.18
C PHE D 139 22.92 4.51 -21.02
N ASP D 140 23.20 4.03 -19.82
CA ASP D 140 23.27 4.85 -18.60
C ASP D 140 24.58 4.58 -17.89
N ALA D 141 25.68 4.53 -18.65
CA ALA D 141 26.96 4.08 -18.16
C ALA D 141 27.80 5.28 -17.73
N GLY D 142 29.08 5.04 -17.47
CA GLY D 142 29.94 6.11 -17.02
C GLY D 142 30.43 6.99 -18.16
N THR D 143 31.73 7.22 -18.20
CA THR D 143 32.37 8.02 -19.23
C THR D 143 33.10 7.06 -20.17
N TYR D 144 32.61 6.97 -21.41
CA TYR D 144 33.17 6.05 -22.40
C TYR D 144 33.48 6.80 -23.69
N ARG D 145 34.54 6.36 -24.36
CA ARG D 145 34.77 6.78 -25.73
C ARG D 145 33.86 5.97 -26.64
N LEU D 146 33.41 6.60 -27.72
CA LEU D 146 32.42 5.96 -28.57
C LEU D 146 32.93 4.68 -29.21
N ASP D 147 34.25 4.49 -29.27
CA ASP D 147 34.79 3.22 -29.73
C ASP D 147 34.33 2.07 -28.84
N ASP D 148 34.23 2.31 -27.53
CA ASP D 148 33.74 1.28 -26.61
C ASP D 148 32.27 0.99 -26.80
N TYR D 149 31.44 2.04 -26.97
CA TYR D 149 30.05 1.81 -27.33
C TYR D 149 29.94 1.01 -28.61
N ALA D 150 30.77 1.33 -29.61
CA ALA D 150 30.70 0.62 -30.88
C ALA D 150 31.02 -0.86 -30.69
N GLY D 151 32.05 -1.16 -29.91
CA GLY D 151 32.38 -2.56 -29.64
C GLY D 151 31.28 -3.29 -28.90
N PHE D 152 30.69 -2.65 -27.88
CA PHE D 152 29.57 -3.27 -27.17
C PHE D 152 28.45 -3.61 -28.15
N LEU D 153 28.03 -2.63 -28.95
CA LEU D 153 26.90 -2.84 -29.85
C LEU D 153 27.26 -3.86 -30.93
N ARG D 154 28.51 -3.87 -31.41
CA ARG D 154 28.94 -4.88 -32.36
C ARG D 154 28.76 -6.28 -31.78
N ARG D 155 29.15 -6.45 -30.50
CA ARG D 155 29.00 -7.76 -29.87
C ARG D 155 27.53 -8.14 -29.72
N VAL D 156 26.72 -7.21 -29.21
CA VAL D 156 25.30 -7.48 -29.06
C VAL D 156 24.73 -7.87 -30.42
N ARG D 157 25.09 -7.13 -31.47
CA ARG D 157 24.52 -7.38 -32.78
C ARG D 157 24.88 -8.76 -33.28
N THR D 158 26.12 -9.19 -33.01
CA THR D 158 26.56 -10.52 -33.43
C THR D 158 25.70 -11.60 -32.79
N LYS D 159 25.39 -11.47 -31.49
CA LYS D 159 24.58 -12.51 -30.85
C LYS D 159 23.09 -12.35 -31.07
N LEU D 160 22.62 -11.16 -31.42
CA LEU D 160 21.18 -10.92 -31.51
C LEU D 160 20.62 -11.45 -32.82
N ASP D 161 19.50 -12.17 -32.74
CA ASP D 161 18.91 -12.82 -33.91
C ASP D 161 18.68 -11.81 -35.03
N PRO D 162 19.08 -12.12 -36.27
CA PRO D 162 19.05 -11.11 -37.34
C PRO D 162 17.68 -10.51 -37.58
N ASN D 163 16.60 -11.25 -37.29
CA ASN D 163 15.25 -10.70 -37.47
C ASN D 163 14.90 -9.62 -36.46
N PHE D 164 15.66 -9.45 -35.37
CA PHE D 164 15.42 -8.40 -34.40
C PHE D 164 16.32 -7.21 -34.71
N ALA D 165 15.74 -6.00 -34.63
CA ALA D 165 16.48 -4.77 -34.81
C ALA D 165 17.27 -4.42 -33.54
N LEU D 166 18.27 -3.56 -33.70
CA LEU D 166 19.10 -3.10 -32.59
C LEU D 166 18.92 -1.60 -32.43
N GLY D 167 18.25 -1.19 -31.34
CA GLY D 167 18.12 0.23 -31.05
C GLY D 167 18.96 0.70 -29.87
N VAL D 168 19.21 2.00 -29.83
CA VAL D 168 19.98 2.64 -28.77
C VAL D 168 19.19 3.85 -28.30
N THR D 169 19.31 4.14 -27.00
CA THR D 169 18.75 5.35 -26.43
C THR D 169 19.69 5.77 -25.31
N GLY D 170 19.58 7.04 -24.94
CA GLY D 170 20.47 7.61 -23.94
C GLY D 170 20.31 9.11 -23.97
N LEU D 171 20.94 9.75 -23.00
CA LEU D 171 20.78 11.19 -22.87
C LEU D 171 21.57 11.93 -23.94
N LEU D 172 21.31 13.24 -24.03
CA LEU D 172 21.51 14.00 -25.27
C LEU D 172 22.77 13.66 -26.05
N ASP D 173 23.96 13.89 -25.50
CA ASP D 173 25.14 13.50 -26.27
C ASP D 173 26.29 12.99 -25.41
N TRP D 174 27.20 12.33 -26.12
CA TRP D 174 28.25 11.48 -25.56
C TRP D 174 29.63 12.15 -25.67
N GLN D 182 30.36 10.66 -37.51
CA GLN D 182 30.61 10.47 -36.10
C GLN D 182 30.00 9.21 -35.63
N LEU D 183 28.67 9.28 -35.44
CA LEU D 183 27.85 8.23 -34.87
C LEU D 183 27.13 7.40 -35.90
N ASN D 184 27.03 7.90 -37.13
CA ASN D 184 26.29 7.20 -38.18
C ASN D 184 26.90 5.85 -38.53
N ALA D 185 28.07 5.51 -37.99
CA ALA D 185 28.71 4.23 -38.25
C ALA D 185 28.37 3.17 -37.19
N LEU D 186 27.50 3.49 -36.22
CA LEU D 186 27.12 2.49 -35.24
C LEU D 186 26.20 1.46 -35.88
N PRO D 187 26.32 0.20 -35.52
CA PRO D 187 25.50 -0.87 -36.11
C PRO D 187 24.10 -0.94 -35.49
N ILE D 188 23.35 0.14 -35.66
CA ILE D 188 22.06 0.28 -34.98
C ILE D 188 21.00 0.64 -36.01
N ASP D 189 19.75 0.28 -35.69
CA ASP D 189 18.63 0.56 -36.57
C ASP D 189 17.80 1.74 -36.12
N GLU D 190 17.84 2.09 -34.84
CA GLU D 190 17.07 3.20 -34.32
C GLU D 190 17.77 3.83 -33.12
N LEU D 191 17.94 5.14 -33.17
CA LEU D 191 18.53 5.91 -32.09
C LEU D 191 17.48 6.85 -31.52
N VAL D 192 17.23 6.77 -30.22
CA VAL D 192 16.32 7.68 -29.54
C VAL D 192 17.16 8.59 -28.66
N ILE D 193 17.03 9.89 -28.88
CA ILE D 193 17.79 10.87 -28.09
C ILE D 193 16.92 11.26 -26.90
N GLN D 194 17.40 11.03 -25.68
CA GLN D 194 16.60 11.35 -24.50
C GLN D 194 16.77 12.81 -24.12
N THR D 195 15.65 13.48 -23.84
CA THR D 195 15.63 14.87 -23.42
C THR D 195 15.32 15.06 -21.94
N TYR D 196 15.06 13.98 -21.21
CA TYR D 196 14.60 14.05 -19.83
C TYR D 196 15.61 13.37 -18.91
N GLN D 197 15.50 13.71 -17.63
CA GLN D 197 16.14 12.97 -16.55
C GLN D 197 15.15 12.90 -15.41
N GLY D 198 14.88 11.68 -14.94
CA GLY D 198 13.84 11.49 -13.95
C GLY D 198 12.49 11.90 -14.52
N ARG D 199 11.85 12.88 -13.88
CA ARG D 199 10.53 13.30 -14.27
C ARG D 199 10.51 14.62 -15.00
N SER D 200 11.68 15.21 -15.29
CA SER D 200 11.77 16.52 -15.90
C SER D 200 12.60 16.48 -17.17
N THR D 201 12.19 17.30 -18.13
CA THR D 201 13.03 17.62 -19.28
C THR D 201 14.29 18.32 -18.83
N VAL D 202 15.43 17.89 -19.39
CA VAL D 202 16.72 18.52 -19.13
C VAL D 202 16.68 19.99 -19.52
N ASN D 203 17.12 20.87 -18.64
CA ASN D 203 17.11 22.29 -18.98
C ASN D 203 18.13 22.56 -20.09
N GLN D 204 17.76 23.47 -20.99
CA GLN D 204 18.57 23.76 -22.18
C GLN D 204 18.76 22.53 -23.06
N TYR D 205 17.79 21.60 -23.07
CA TYR D 205 17.84 20.45 -23.97
C TYR D 205 18.01 20.88 -25.42
N SER D 206 17.41 22.01 -25.80
CA SER D 206 17.40 22.46 -27.18
C SER D 206 18.81 22.63 -27.74
N ARG D 207 19.80 22.86 -26.89
CA ARG D 207 21.18 23.01 -27.36
C ARG D 207 21.60 21.84 -28.23
N TYR D 208 21.09 20.64 -27.94
CA TYR D 208 21.61 19.44 -28.57
C TYR D 208 20.84 19.03 -29.83
N LEU D 209 19.72 19.70 -30.13
CA LEU D 209 18.81 19.30 -31.19
C LEU D 209 19.23 19.72 -32.60
N PRO D 210 19.77 20.93 -32.83
CA PRO D 210 20.06 21.36 -34.21
C PRO D 210 20.97 20.42 -34.99
N ALA D 211 21.88 19.71 -34.33
CA ALA D 211 22.85 18.86 -35.02
C ALA D 211 22.27 17.53 -35.48
N LEU D 212 21.10 17.15 -34.95
CA LEU D 212 20.47 15.89 -35.32
C LEU D 212 20.17 15.77 -36.81
N LEU D 213 20.06 16.88 -37.53
CA LEU D 213 19.82 16.81 -38.97
C LEU D 213 21.02 16.24 -39.72
N GLN D 214 22.15 16.02 -39.04
CA GLN D 214 23.31 15.36 -39.62
C GLN D 214 23.30 13.86 -39.40
N LEU D 215 22.38 13.34 -38.60
CA LEU D 215 22.26 11.89 -38.41
C LEU D 215 21.88 11.22 -39.72
N ARG D 216 22.41 10.01 -39.93
CA ARG D 216 22.12 9.24 -41.14
C ARG D 216 21.46 7.92 -40.79
N LEU D 217 20.76 7.87 -39.66
CA LEU D 217 20.09 6.66 -39.25
C LEU D 217 18.76 7.04 -38.61
N PRO D 218 17.75 6.16 -38.70
CA PRO D 218 16.45 6.49 -38.13
C PRO D 218 16.61 6.91 -36.68
N PHE D 219 15.95 8.02 -36.32
CA PHE D 219 16.07 8.58 -34.99
C PHE D 219 14.75 9.20 -34.54
N LYS D 220 14.59 9.23 -33.21
CA LYS D 220 13.43 9.81 -32.55
C LYS D 220 13.90 10.64 -31.36
N ILE D 221 12.95 11.41 -30.82
CA ILE D 221 13.18 12.18 -29.60
C ILE D 221 12.38 11.52 -28.49
N GLY D 222 13.03 11.31 -27.34
CA GLY D 222 12.36 10.75 -26.18
C GLY D 222 12.06 11.87 -25.20
N LEU D 223 10.79 11.96 -24.80
CA LEU D 223 10.26 13.01 -23.95
C LEU D 223 9.59 12.41 -22.73
N VAL D 224 9.75 13.06 -21.56
CA VAL D 224 9.09 12.55 -20.35
C VAL D 224 7.67 13.09 -20.29
N GLN D 225 6.73 12.26 -19.82
CA GLN D 225 5.32 12.65 -19.76
C GLN D 225 5.15 13.82 -18.79
N HIS D 226 4.40 14.84 -19.22
CA HIS D 226 4.17 16.10 -18.50
C HIS D 226 5.41 16.97 -18.38
N GLY D 227 6.47 16.65 -19.12
CA GLY D 227 7.65 17.48 -19.13
C GLY D 227 7.51 18.65 -20.09
N GLU D 228 8.47 19.56 -20.01
CA GLU D 228 8.51 20.70 -20.89
C GLU D 228 9.07 20.30 -22.25
N TRP D 229 8.50 20.86 -23.31
CA TRP D 229 8.86 20.53 -24.68
C TRP D 229 8.30 21.60 -25.59
N ASP D 230 9.10 22.05 -26.54
CA ASP D 230 8.57 22.93 -27.58
C ASP D 230 8.30 22.13 -28.84
N PRO D 231 7.04 21.82 -29.16
CA PRO D 231 6.75 20.97 -30.32
C PRO D 231 7.20 21.53 -31.67
N GLN D 232 7.58 22.82 -31.76
CA GLN D 232 8.16 23.29 -33.02
C GLN D 232 9.39 22.48 -33.40
N TRP D 233 10.14 21.97 -32.40
CA TRP D 233 11.29 21.14 -32.73
C TRP D 233 10.91 19.95 -33.60
N GLU D 234 9.73 19.38 -33.36
CA GLU D 234 9.30 18.26 -34.21
C GLU D 234 9.27 18.69 -35.66
N GLN D 235 8.63 19.84 -35.93
CA GLN D 235 8.61 20.40 -37.27
C GLN D 235 10.03 20.56 -37.83
N TYR D 236 10.94 21.08 -36.99
CA TYR D 236 12.32 21.24 -37.43
C TYR D 236 12.89 19.89 -37.82
N LEU D 237 12.79 18.92 -36.92
CA LEU D 237 13.42 17.63 -37.18
C LEU D 237 12.72 16.92 -38.32
N ALA D 238 11.48 17.33 -38.63
CA ALA D 238 10.79 16.67 -39.74
C ALA D 238 11.47 16.94 -41.07
N ALA D 239 12.38 17.92 -41.15
CA ALA D 239 13.13 18.12 -42.39
C ALA D 239 13.99 16.93 -42.77
N SER D 240 14.37 16.07 -41.79
CA SER D 240 15.28 14.97 -42.13
C SER D 240 14.48 13.74 -42.56
N PRO D 241 14.83 13.10 -43.67
CA PRO D 241 14.12 11.87 -44.06
C PRO D 241 14.34 10.73 -43.07
N PHE D 242 15.24 10.90 -42.11
CA PHE D 242 15.53 9.88 -41.11
C PHE D 242 14.75 10.09 -39.82
N TYR D 243 14.04 11.22 -39.68
CA TYR D 243 13.25 11.46 -38.48
C TYR D 243 12.07 10.49 -38.43
N ARG D 244 11.84 9.92 -37.25
CA ARG D 244 10.75 8.96 -37.09
C ARG D 244 9.80 9.32 -35.96
N GLY D 245 9.86 10.54 -35.42
CA GLY D 245 8.87 10.92 -34.43
C GLY D 245 9.37 10.96 -33.01
N GLU D 246 8.45 10.77 -32.05
CA GLU D 246 8.77 10.88 -30.63
C GLU D 246 8.29 9.64 -29.88
N VAL D 247 8.92 9.43 -28.72
CA VAL D 247 8.50 8.44 -27.74
C VAL D 247 8.30 9.15 -26.41
N VAL D 248 7.22 8.84 -25.70
CA VAL D 248 6.90 9.43 -24.40
C VAL D 248 7.16 8.40 -23.30
N PHE D 249 7.95 8.80 -22.31
CA PHE D 249 8.20 8.04 -21.08
C PHE D 249 7.02 8.23 -20.13
N LEU D 250 6.13 7.24 -20.07
CA LEU D 250 4.99 7.32 -19.17
C LEU D 250 5.46 7.35 -17.71
N LEU D 251 4.72 8.10 -16.88
CA LEU D 251 5.00 8.23 -15.46
C LEU D 251 3.74 7.93 -14.65
N ASN D 252 3.95 7.47 -13.41
CA ASN D 252 2.88 7.39 -12.42
C ASN D 252 2.72 8.73 -11.71
N HIS D 253 1.48 9.01 -11.27
CA HIS D 253 1.22 10.23 -10.51
C HIS D 253 2.07 10.25 -9.23
N LEU D 254 2.39 11.45 -8.77
CA LEU D 254 3.04 11.62 -7.47
C LEU D 254 1.98 11.84 -6.38
#